data_5VLR
#
_entry.id   5VLR
#
_cell.length_a   90.847
_cell.length_b   108.579
_cell.length_c   142.734
_cell.angle_alpha   90.00
_cell.angle_beta   90.00
_cell.angle_gamma   90.00
#
_symmetry.space_group_name_H-M   'P 21 21 21'
#
loop_
_entity.id
_entity.type
_entity.pdbx_description
1 polymer 'Phosphatidylinositol 4,5-bisphosphate 3-kinase catalytic subunit delta isoform'
2 polymer 'Phosphatidylinositol 3-kinase regulatory subunit alpha'
3 non-polymer 4-acetyl-1-(3-{4-amino-5-[1-(2,2,2-trifluoroethyl)-1H-pyrazol-5-yl]pyrrolo[2,1-f][1,2,4]triazin-7-yl}phenyl)-3,3-dimethylpiperazin-2-one
4 water water
#
loop_
_entity_poly.entity_id
_entity_poly.type
_entity_poly.pdbx_seq_one_letter_code
_entity_poly.pdbx_strand_id
1 'polypeptide(L)'
;NQSVVVDFLLPTGVYLNFPVSRNANLSTIKQLLWHRAQYEPLFHMLSGPEAYVFTCINQTAEQQELEDEQRRLCDVQPFL
PVLRLVAREGDRVKKLINSQISLLIGKGLHEFDSLCDPEVNDFRAKMCQFCEEAAARRQQLGWEAWLQYSFPLQLEPSAQ
TWGPGTLRLPNRALLVNVKFEGSEESFTFQVSTKDVPLALMACALRKKATVFRQPLVEQPEDYTLQVNGRHEYLYGSYPL
CQFQYICSCLHSGLTPHLTMVHSSSILAMRDEQSNPAPQVQKPRAKPPPIPAKKPSSVSLWSLEQPFRIELIQGSKVNAD
ERMKLVVQAGLFHGNEMLCKTVSSSEVSVCSEPVWKQRLEFDINICDLPRMARLCFALYAVIEKAKKARSTKKKSKKADC
PIAWANLMLFDYKDQLKTGERCLYMWPSVPDEKGELLNPTGTVRSNPNTDSAAALLICLPEVAPHPVYYPALEKILELGR
HSECVHVTEEEQLQLREILERRGSGELYEHEKDLVWKLRHEVQEHFPEALARLLLVTKWNKHEDVAQMLYLLCSWPELPV
LSALELLDFSFPDCHVGSFAIKSLRKLTDDELFQYLLQLVQVLKYESYLDCELTKFLLDRALANRKIGHFLFWHLRSEMH
VPSVALRFGLILEAYCRGSTHHMKVLMKQGEALSKLKALNDFVKLSSQKTPKPQTKELMHLCMRQEAYLEALSHLQSPLD
PSTLLAEVCVEQCTFMDSKMKPLWIMYSNEEAGSGGSVGIIFKNGDDLRQDMLTLQMIQLMDVLWKQEGLDLRMTPYGCL
PTGDRTGLIEVVLRSDTIANIQLNKSNMAATAAFNKDALLNWLKSKNPGEALDRAIEEFTLSCAGYCVATYVLGIGDRHS
DNIMIRESGQLFHIDFGHFLGNFKTKFGINRERVPFILTYDFVHVIQQGKTNNSEKFERFRGYCERAYTILRRHGLLFLH
LFALMRAAGLPELSCSKDIQYLKDSLALGKTEEEALKHFRVKFNEALRESWKT
;
A
2 'polypeptide(L)'
;YQQDQVVKEDNIEAVGKKLHEYNTQFQEKSREYDRLYEDYTRTSQEIQMKRTAIEAFNETIKIFEEQCQTQERYSKEYIE
KFKREGNETEIQRIMHNYEKLKSRISEIVDSRRRLEEDLKKQAAEYREIDKRMNSIKPDLIQLRKTRDQYLMWLTQKGVR
QKKLNEWLGN
;
B
#
loop_
_chem_comp.id
_chem_comp.type
_chem_comp.name
_chem_comp.formula
9EM non-polymer 4-acetyl-1-(3-{4-amino-5-[1-(2,2,2-trifluoroethyl)-1H-pyrazol-5-yl]pyrrolo[2,1-f][1,2,4]triazin-7-yl}phenyl)-3,3-dimethylpiperazin-2-one 'C25 H25 F3 N8 O2'
#
# COMPACT_ATOMS: atom_id res chain seq x y z
N ASN A 1 -24.87 -18.35 22.29
CA ASN A 1 -24.20 -17.32 23.10
C ASN A 1 -22.65 -17.50 23.13
N GLN A 2 -22.03 -17.50 24.35
CA GLN A 2 -20.58 -17.68 24.58
C GLN A 2 -20.10 -19.07 24.13
N SER A 3 -20.85 -20.14 24.50
CA SER A 3 -20.56 -21.54 24.14
C SER A 3 -20.84 -21.85 22.66
N VAL A 4 -20.16 -22.91 22.14
CA VAL A 4 -20.21 -23.41 20.77
C VAL A 4 -19.94 -24.93 20.74
N VAL A 5 -20.78 -25.66 19.97
CA VAL A 5 -20.70 -27.11 19.81
C VAL A 5 -19.57 -27.46 18.82
N VAL A 6 -18.58 -28.22 19.31
CA VAL A 6 -17.37 -28.63 18.60
C VAL A 6 -17.38 -30.13 18.31
N ASP A 7 -16.99 -30.48 17.08
CA ASP A 7 -16.85 -31.85 16.61
C ASP A 7 -15.43 -32.19 16.86
N PHE A 8 -15.18 -33.38 17.40
CA PHE A 8 -13.84 -33.86 17.71
C PHE A 8 -13.66 -35.17 17.01
N LEU A 9 -12.55 -35.32 16.29
CA LEU A 9 -12.29 -36.53 15.53
C LEU A 9 -11.04 -37.15 16.11
N LEU A 10 -11.19 -38.34 16.75
CA LEU A 10 -10.11 -39.05 17.43
C LEU A 10 -9.41 -40.01 16.49
N PRO A 11 -8.09 -40.24 16.72
CA PRO A 11 -7.30 -41.04 15.77
C PRO A 11 -7.71 -42.50 15.62
N THR A 12 -8.63 -42.98 16.42
CA THR A 12 -9.15 -44.34 16.35
C THR A 12 -10.37 -44.37 15.42
N GLY A 13 -10.76 -43.20 14.91
CA GLY A 13 -11.92 -43.02 14.06
C GLY A 13 -13.14 -42.65 14.87
N VAL A 14 -13.00 -42.61 16.22
CA VAL A 14 -14.09 -42.25 17.14
C VAL A 14 -14.40 -40.76 16.99
N TYR A 15 -15.68 -40.45 17.16
CA TYR A 15 -16.24 -39.13 17.00
C TYR A 15 -17.07 -38.72 18.22
N LEU A 16 -16.72 -37.56 18.78
CA LEU A 16 -17.28 -36.92 19.96
C LEU A 16 -17.76 -35.52 19.57
N ASN A 17 -18.87 -35.10 20.14
CA ASN A 17 -19.41 -33.78 19.86
C ASN A 17 -20.00 -33.21 21.16
N PHE A 18 -19.37 -32.17 21.75
CA PHE A 18 -19.88 -31.56 22.98
C PHE A 18 -19.71 -30.02 23.02
N PRO A 19 -20.46 -29.26 23.86
CA PRO A 19 -20.25 -27.79 23.88
C PRO A 19 -19.12 -27.32 24.78
N VAL A 20 -18.39 -26.29 24.30
CA VAL A 20 -17.30 -25.62 25.01
C VAL A 20 -17.47 -24.12 24.79
N SER A 21 -16.84 -23.30 25.62
CA SER A 21 -16.94 -21.84 25.48
C SER A 21 -15.98 -21.35 24.43
N ARG A 22 -16.41 -20.30 23.68
CA ARG A 22 -15.60 -19.66 22.64
C ARG A 22 -14.30 -19.04 23.17
N ASN A 23 -14.21 -18.76 24.50
CA ASN A 23 -13.03 -18.17 25.15
C ASN A 23 -12.08 -19.22 25.75
N ALA A 24 -12.43 -20.51 25.60
CA ALA A 24 -11.60 -21.58 26.17
C ALA A 24 -10.33 -21.73 25.37
N ASN A 25 -9.18 -21.88 26.05
CA ASN A 25 -7.95 -22.08 25.31
C ASN A 25 -7.87 -23.54 24.87
N LEU A 26 -7.08 -23.81 23.82
CA LEU A 26 -7.06 -25.15 23.23
C LEU A 26 -6.57 -26.20 24.22
N SER A 27 -5.66 -25.82 25.14
CA SER A 27 -5.15 -26.68 26.21
C SER A 27 -6.31 -27.15 27.09
N THR A 28 -7.21 -26.23 27.45
CA THR A 28 -8.39 -26.48 28.27
C THR A 28 -9.39 -27.38 27.54
N ILE A 29 -9.64 -27.14 26.24
CA ILE A 29 -10.56 -27.93 25.41
C ILE A 29 -10.09 -29.41 25.35
N LYS A 30 -8.75 -29.62 25.24
CA LYS A 30 -8.15 -30.96 25.18
C LYS A 30 -8.43 -31.77 26.46
N GLN A 31 -8.43 -31.07 27.63
CA GLN A 31 -8.74 -31.69 28.91
C GLN A 31 -10.21 -32.09 28.97
N LEU A 32 -11.16 -31.19 28.59
CA LEU A 32 -12.59 -31.53 28.56
C LEU A 32 -12.81 -32.71 27.63
N LEU A 33 -12.01 -32.78 26.53
CA LEU A 33 -12.10 -33.87 25.55
C LEU A 33 -11.62 -35.17 26.15
N TRP A 34 -10.46 -35.18 26.84
CA TRP A 34 -9.97 -36.41 27.45
C TRP A 34 -10.94 -36.88 28.52
N HIS A 35 -11.61 -35.93 29.21
CA HIS A 35 -12.61 -36.25 30.22
C HIS A 35 -13.86 -36.95 29.63
N ARG A 36 -14.31 -36.58 28.42
CA ARG A 36 -15.49 -37.19 27.80
C ARG A 36 -15.10 -38.40 26.95
N ALA A 37 -13.88 -38.41 26.42
CA ALA A 37 -13.35 -39.51 25.62
C ALA A 37 -13.29 -40.80 26.41
N GLN A 38 -12.90 -40.74 27.69
CA GLN A 38 -12.85 -41.95 28.53
C GLN A 38 -14.20 -42.68 28.62
N TYR A 39 -15.33 -41.98 28.36
CA TYR A 39 -16.64 -42.61 28.42
C TYR A 39 -17.24 -42.94 27.03
N GLU A 40 -16.36 -42.91 25.95
CA GLU A 40 -16.63 -43.26 24.54
C GLU A 40 -15.72 -44.44 24.14
N PRO A 41 -16.12 -45.33 23.18
CA PRO A 41 -15.27 -46.48 22.83
C PRO A 41 -13.85 -46.19 22.38
N LEU A 42 -13.01 -47.19 22.45
CA LEU A 42 -11.62 -47.26 22.02
C LEU A 42 -10.68 -46.32 22.73
N PHE A 43 -11.05 -45.82 23.92
CA PHE A 43 -10.17 -44.94 24.68
C PHE A 43 -8.80 -45.51 25.03
N HIS A 44 -8.74 -46.79 25.43
CA HIS A 44 -7.53 -47.49 25.89
C HIS A 44 -6.37 -47.40 24.93
N MET A 45 -6.72 -47.26 23.63
CA MET A 45 -5.84 -47.20 22.45
C MET A 45 -5.11 -45.86 22.28
N LEU A 46 -5.74 -44.74 22.72
CA LEU A 46 -5.15 -43.40 22.68
C LEU A 46 -3.89 -43.29 23.51
N SER A 47 -2.99 -42.44 23.05
CA SER A 47 -1.77 -42.10 23.75
C SER A 47 -2.16 -40.93 24.71
N GLY A 48 -1.18 -40.32 25.37
CA GLY A 48 -1.41 -39.20 26.28
C GLY A 48 -1.91 -37.95 25.54
N PRO A 49 -2.57 -36.99 26.24
CA PRO A 49 -3.07 -35.77 25.56
C PRO A 49 -1.98 -34.97 24.85
N GLU A 50 -0.80 -34.92 25.47
CA GLU A 50 0.38 -34.19 25.00
C GLU A 50 1.01 -34.88 23.80
N ALA A 51 0.58 -36.10 23.48
CA ALA A 51 1.11 -36.85 22.34
C ALA A 51 0.50 -36.30 21.03
N TYR A 52 -0.63 -35.55 21.17
CA TYR A 52 -1.44 -35.02 20.09
C TYR A 52 -1.54 -33.51 20.03
N VAL A 53 -1.82 -33.04 18.81
CA VAL A 53 -2.06 -31.64 18.44
C VAL A 53 -3.40 -31.55 17.68
N PHE A 54 -4.13 -30.47 17.92
CA PHE A 54 -5.38 -30.23 17.22
C PHE A 54 -5.05 -29.68 15.83
N THR A 55 -5.89 -30.06 14.87
CA THR A 55 -5.87 -29.65 13.48
C THR A 55 -7.22 -29.05 13.24
N CYS A 56 -7.28 -28.01 12.42
CA CYS A 56 -8.52 -27.33 12.03
C CYS A 56 -8.33 -26.74 10.65
N ILE A 57 -9.45 -26.42 9.97
CA ILE A 57 -9.46 -25.69 8.70
C ILE A 57 -9.69 -24.20 9.07
N ASN A 58 -8.65 -23.35 8.93
CA ASN A 58 -8.75 -21.92 9.28
C ASN A 58 -9.55 -21.10 8.21
N GLN A 59 -9.81 -19.80 8.51
CA GLN A 59 -10.54 -18.85 7.67
C GLN A 59 -10.06 -18.86 6.19
N THR A 60 -8.70 -18.89 6.00
CA THR A 60 -7.98 -18.95 4.73
C THR A 60 -8.09 -20.33 4.03
N ALA A 61 -8.95 -21.26 4.56
CA ALA A 61 -9.30 -22.60 4.03
C ALA A 61 -8.18 -23.67 4.05
N GLU A 62 -7.14 -23.52 4.88
CA GLU A 62 -6.13 -24.58 4.91
C GLU A 62 -5.99 -25.18 6.29
N GLN A 63 -5.57 -26.45 6.33
CA GLN A 63 -5.33 -27.18 7.55
C GLN A 63 -4.26 -26.48 8.33
N GLN A 64 -4.51 -26.31 9.62
CA GLN A 64 -3.60 -25.61 10.53
C GLN A 64 -3.32 -26.45 11.73
N GLU A 65 -2.03 -26.71 11.97
CA GLU A 65 -1.59 -27.45 13.15
C GLU A 65 -1.58 -26.43 14.32
N LEU A 66 -2.53 -26.60 15.24
CA LEU A 66 -2.71 -25.67 16.36
C LEU A 66 -1.77 -25.94 17.53
N GLU A 67 -0.44 -25.66 17.34
CA GLU A 67 0.66 -25.86 18.29
C GLU A 67 0.62 -25.06 19.58
N ASP A 68 0.25 -23.76 19.51
CA ASP A 68 0.19 -22.90 20.69
C ASP A 68 -1.15 -23.14 21.29
N GLU A 69 -1.16 -23.94 22.38
CA GLU A 69 -2.39 -24.33 23.06
C GLU A 69 -2.84 -23.31 24.09
N GLN A 70 -2.15 -22.16 24.12
CA GLN A 70 -2.52 -21.03 24.97
C GLN A 70 -3.49 -20.13 24.19
N ARG A 71 -3.86 -20.52 22.96
CA ARG A 71 -4.77 -19.73 22.14
C ARG A 71 -6.21 -20.10 22.43
N ARG A 72 -7.10 -19.09 22.47
CA ARG A 72 -8.55 -19.28 22.70
C ARG A 72 -9.21 -19.68 21.36
N LEU A 73 -10.24 -20.56 21.41
CA LEU A 73 -10.97 -21.02 20.22
C LEU A 73 -11.46 -19.84 19.37
N CYS A 74 -11.82 -18.70 20.05
CA CYS A 74 -12.24 -17.46 19.41
C CYS A 74 -11.09 -16.84 18.62
N ASP A 75 -9.88 -16.82 19.19
CA ASP A 75 -8.68 -16.35 18.51
C ASP A 75 -8.21 -17.29 17.38
N VAL A 76 -8.58 -18.58 17.44
CA VAL A 76 -8.19 -19.53 16.41
C VAL A 76 -9.12 -19.33 15.23
N GLN A 77 -10.41 -19.08 15.52
CA GLN A 77 -11.46 -18.82 14.53
C GLN A 77 -11.39 -19.87 13.40
N PRO A 78 -11.77 -21.15 13.68
CA PRO A 78 -11.72 -22.17 12.61
C PRO A 78 -12.97 -22.01 11.77
N PHE A 79 -12.96 -22.48 10.53
CA PHE A 79 -14.10 -22.34 9.64
C PHE A 79 -15.41 -22.80 10.29
N LEU A 80 -15.53 -24.10 10.54
CA LEU A 80 -16.65 -24.75 11.24
C LEU A 80 -16.01 -25.24 12.56
N PRO A 81 -16.77 -25.49 13.67
CA PRO A 81 -16.10 -25.90 14.93
C PRO A 81 -15.75 -27.38 14.94
N VAL A 82 -14.69 -27.74 14.20
CA VAL A 82 -14.19 -29.09 13.96
C VAL A 82 -12.73 -29.16 14.34
N LEU A 83 -12.37 -30.08 15.24
CA LEU A 83 -10.98 -30.28 15.66
C LEU A 83 -10.65 -31.74 15.51
N ARG A 84 -9.43 -32.03 15.05
CA ARG A 84 -8.93 -33.37 14.76
C ARG A 84 -7.58 -33.57 15.43
N LEU A 85 -7.44 -34.67 16.18
CA LEU A 85 -6.17 -35.00 16.81
C LEU A 85 -5.23 -35.71 15.82
N VAL A 86 -3.98 -35.28 15.79
CA VAL A 86 -2.93 -35.74 14.88
C VAL A 86 -1.63 -35.88 15.69
N ALA A 87 -0.79 -36.85 15.32
CA ALA A 87 0.52 -37.04 15.96
C ALA A 87 1.33 -35.78 15.77
N ARG A 88 1.88 -35.24 16.89
CA ARG A 88 2.69 -34.02 16.91
C ARG A 88 3.85 -34.03 15.93
N GLU A 89 4.65 -35.11 15.91
CA GLU A 89 5.88 -35.30 15.11
C GLU A 89 5.77 -34.97 13.62
N GLY A 90 6.88 -34.40 13.14
CA GLY A 90 7.15 -33.91 11.78
C GLY A 90 8.05 -32.69 11.92
N ASP A 91 8.07 -31.81 10.88
CA ASP A 91 8.82 -30.57 10.97
C ASP A 91 7.86 -29.50 11.54
N ARG A 92 7.71 -29.48 12.87
CA ARG A 92 6.81 -28.53 13.54
C ARG A 92 7.39 -27.10 13.56
N VAL A 93 8.10 -26.74 12.48
CA VAL A 93 8.70 -25.44 12.26
C VAL A 93 8.15 -24.90 10.96
N LYS A 94 8.28 -25.64 9.84
CA LYS A 94 7.71 -25.23 8.54
C LYS A 94 6.18 -25.28 8.59
N LYS A 95 5.61 -26.32 9.26
CA LYS A 95 4.17 -26.48 9.46
C LYS A 95 3.63 -25.26 10.23
N LEU A 96 4.36 -24.85 11.31
CA LEU A 96 4.03 -23.68 12.12
C LEU A 96 4.17 -22.36 11.34
N ILE A 97 5.34 -22.12 10.69
CA ILE A 97 5.60 -20.90 9.95
C ILE A 97 4.61 -20.72 8.81
N ASN A 98 4.49 -21.71 7.89
CA ASN A 98 3.57 -21.64 6.75
C ASN A 98 2.16 -21.20 7.11
N SER A 99 1.63 -21.73 8.22
CA SER A 99 0.33 -21.40 8.79
C SER A 99 0.24 -19.94 9.22
N GLN A 100 1.16 -19.49 10.10
CA GLN A 100 1.23 -18.11 10.58
C GLN A 100 1.31 -17.13 9.40
N ILE A 101 2.09 -17.43 8.33
CA ILE A 101 2.20 -16.61 7.12
C ILE A 101 0.80 -16.37 6.50
N SER A 102 0.03 -17.45 6.25
CA SER A 102 -1.32 -17.45 5.63
C SER A 102 -2.28 -16.54 6.39
N LEU A 103 -2.17 -16.57 7.72
CA LEU A 103 -3.00 -15.74 8.58
C LEU A 103 -2.57 -14.26 8.44
N LEU A 104 -1.25 -14.01 8.59
CA LEU A 104 -0.57 -12.73 8.59
C LEU A 104 -0.76 -11.94 7.31
N ILE A 105 -0.63 -12.59 6.14
CA ILE A 105 -0.76 -11.95 4.82
C ILE A 105 -2.22 -11.86 4.33
N GLY A 106 -3.12 -12.59 5.03
CA GLY A 106 -4.54 -12.65 4.71
C GLY A 106 -4.83 -13.31 3.37
N LYS A 107 -4.09 -14.41 3.08
CA LYS A 107 -4.18 -15.23 1.88
C LYS A 107 -3.44 -16.54 2.14
N GLY A 108 -4.11 -17.66 1.90
CA GLY A 108 -3.51 -18.96 2.09
C GLY A 108 -2.48 -19.28 1.03
N LEU A 109 -1.33 -19.86 1.42
CA LEU A 109 -0.27 -20.23 0.48
C LEU A 109 -0.76 -21.24 -0.57
N HIS A 110 -1.84 -22.00 -0.24
CA HIS A 110 -2.45 -22.96 -1.14
C HIS A 110 -2.99 -22.29 -2.38
N GLU A 111 -3.44 -21.01 -2.27
CA GLU A 111 -3.93 -20.25 -3.43
C GLU A 111 -2.80 -20.15 -4.44
N PHE A 112 -1.54 -20.00 -3.96
CA PHE A 112 -0.35 -19.95 -4.83
C PHE A 112 -0.09 -21.33 -5.52
N ASP A 113 -0.26 -22.42 -4.77
CA ASP A 113 -0.08 -23.77 -5.30
C ASP A 113 -1.16 -24.07 -6.37
N SER A 114 -2.45 -23.82 -6.05
CA SER A 114 -3.63 -23.98 -6.91
C SER A 114 -3.42 -23.54 -8.39
N LEU A 115 -2.71 -22.39 -8.60
CA LEU A 115 -2.49 -21.78 -9.92
C LEU A 115 -1.77 -22.63 -10.95
N CYS A 116 -0.90 -23.55 -10.48
CA CYS A 116 -0.06 -24.40 -11.31
C CYS A 116 0.68 -23.57 -12.36
N ASP A 117 1.29 -22.49 -11.86
CA ASP A 117 2.09 -21.56 -12.62
C ASP A 117 3.53 -21.71 -12.13
N PRO A 118 4.45 -22.13 -13.05
CA PRO A 118 5.86 -22.28 -12.65
C PRO A 118 6.48 -20.95 -12.26
N GLU A 119 6.11 -19.82 -12.91
CA GLU A 119 6.63 -18.51 -12.55
C GLU A 119 6.46 -18.24 -11.05
N VAL A 120 5.26 -18.56 -10.54
CA VAL A 120 4.89 -18.43 -9.15
C VAL A 120 5.74 -19.38 -8.30
N ASN A 121 5.92 -20.61 -8.76
CA ASN A 121 6.66 -21.65 -8.05
C ASN A 121 8.16 -21.38 -7.99
N ASP A 122 8.74 -20.87 -9.08
CA ASP A 122 10.15 -20.51 -9.16
C ASP A 122 10.44 -19.30 -8.30
N PHE A 123 9.50 -18.31 -8.27
CA PHE A 123 9.64 -17.11 -7.43
C PHE A 123 9.77 -17.61 -6.01
N ARG A 124 8.74 -18.36 -5.54
CA ARG A 124 8.64 -18.94 -4.19
C ARG A 124 9.88 -19.69 -3.76
N ALA A 125 10.41 -20.58 -4.61
CA ALA A 125 11.61 -21.35 -4.28
C ALA A 125 12.83 -20.43 -4.10
N LYS A 126 13.13 -19.59 -5.13
CA LYS A 126 14.28 -18.69 -5.14
C LYS A 126 14.25 -17.64 -4.05
N MET A 127 13.08 -16.98 -3.86
CA MET A 127 12.92 -15.88 -2.92
C MET A 127 12.88 -16.34 -1.49
N CYS A 128 12.18 -17.45 -1.22
CA CYS A 128 12.14 -17.99 0.14
C CYS A 128 13.54 -18.47 0.56
N GLN A 129 14.31 -19.06 -0.38
CA GLN A 129 15.69 -19.51 -0.12
C GLN A 129 16.63 -18.32 0.19
N PHE A 130 16.65 -17.27 -0.69
CA PHE A 130 17.47 -16.06 -0.51
C PHE A 130 17.21 -15.45 0.85
N CYS A 131 15.94 -15.39 1.24
CA CYS A 131 15.51 -14.83 2.52
C CYS A 131 15.92 -15.72 3.65
N GLU A 132 15.59 -17.05 3.59
CA GLU A 132 15.94 -18.03 4.62
C GLU A 132 17.43 -17.99 4.91
N GLU A 133 18.28 -17.93 3.83
CA GLU A 133 19.75 -17.79 3.88
C GLU A 133 20.16 -16.52 4.64
N ALA A 134 19.69 -15.33 4.19
CA ALA A 134 19.96 -14.04 4.83
C ALA A 134 19.61 -14.03 6.34
N ALA A 135 18.52 -14.72 6.73
CA ALA A 135 18.06 -14.84 8.12
C ALA A 135 19.06 -15.69 8.91
N ALA A 136 19.46 -16.85 8.35
CA ALA A 136 20.45 -17.77 8.94
C ALA A 136 21.78 -17.05 9.12
N ARG A 137 22.20 -16.32 8.07
CA ARG A 137 23.39 -15.50 8.02
C ARG A 137 23.28 -14.41 9.10
N ARG A 138 22.06 -13.82 9.30
CA ARG A 138 21.80 -12.77 10.29
C ARG A 138 22.07 -13.29 11.68
N GLN A 139 21.62 -14.53 11.94
CA GLN A 139 21.76 -15.21 13.22
C GLN A 139 23.22 -15.44 13.61
N GLN A 140 24.12 -15.63 12.61
CA GLN A 140 25.56 -15.86 12.83
C GLN A 140 26.26 -14.72 13.55
N LEU A 141 26.18 -13.49 12.98
CA LEU A 141 26.82 -12.27 13.52
C LEU A 141 26.43 -11.94 14.97
N GLY A 142 27.25 -11.10 15.59
CA GLY A 142 27.09 -10.70 16.98
C GLY A 142 26.36 -9.39 17.20
N TRP A 143 25.91 -9.19 18.45
CA TRP A 143 25.15 -8.06 19.03
C TRP A 143 25.26 -6.72 18.27
N GLU A 144 26.46 -6.33 17.81
CA GLU A 144 26.65 -5.07 17.09
C GLU A 144 25.87 -5.02 15.77
N ALA A 145 25.89 -6.11 14.99
CA ALA A 145 25.16 -6.23 13.73
C ALA A 145 23.67 -6.39 14.02
N TRP A 146 23.33 -7.15 15.07
CA TRP A 146 21.94 -7.41 15.41
C TRP A 146 21.22 -6.19 15.96
N LEU A 147 21.86 -5.42 16.87
CA LEU A 147 21.24 -4.22 17.42
C LEU A 147 21.08 -3.18 16.31
N GLN A 148 21.95 -3.26 15.26
CA GLN A 148 21.96 -2.40 14.07
C GLN A 148 20.81 -2.81 13.15
N TYR A 149 20.53 -4.13 13.09
CA TYR A 149 19.45 -4.73 12.29
C TYR A 149 18.08 -4.41 12.88
N SER A 150 17.84 -4.77 14.15
CA SER A 150 16.50 -4.64 14.77
C SER A 150 16.16 -3.26 15.25
N PHE A 151 17.14 -2.51 15.76
CA PHE A 151 16.91 -1.17 16.29
C PHE A 151 17.85 -0.20 15.61
N PRO A 152 17.65 0.11 14.29
CA PRO A 152 18.54 1.04 13.62
C PRO A 152 18.46 2.42 14.25
N LEU A 153 19.58 3.12 14.30
CA LEU A 153 19.68 4.43 14.93
C LEU A 153 18.71 5.43 14.36
N GLN A 154 17.98 6.11 15.26
CA GLN A 154 17.03 7.13 14.84
C GLN A 154 17.73 8.43 15.11
N LEU A 155 18.32 9.00 14.05
CA LEU A 155 19.07 10.24 14.17
C LEU A 155 18.39 11.38 13.47
N GLU A 156 18.70 12.61 13.91
CA GLU A 156 18.21 13.86 13.34
C GLU A 156 18.97 14.13 12.01
N PRO A 157 18.32 14.79 11.00
CA PRO A 157 18.99 14.98 9.69
C PRO A 157 20.37 15.67 9.69
N SER A 158 20.59 16.65 10.63
CA SER A 158 21.82 17.43 10.75
C SER A 158 22.07 18.32 9.52
N LEU A 169 25.88 24.54 15.00
CA LEU A 169 25.49 23.63 16.06
C LEU A 169 26.27 23.89 17.36
N PRO A 170 25.61 24.31 18.47
CA PRO A 170 26.36 24.63 19.71
C PRO A 170 26.49 23.48 20.74
N ASN A 171 27.21 23.75 21.87
CA ASN A 171 27.44 22.85 23.01
C ASN A 171 26.68 23.35 24.25
N ARG A 172 26.02 22.44 24.99
CA ARG A 172 25.24 22.78 26.18
C ARG A 172 25.39 21.75 27.32
N ALA A 173 24.89 22.12 28.53
CA ALA A 173 24.91 21.29 29.74
C ALA A 173 23.65 20.41 29.76
N LEU A 174 23.84 19.08 29.85
CA LEU A 174 22.72 18.14 29.84
C LEU A 174 22.76 17.10 30.97
N LEU A 175 21.86 17.27 31.98
CA LEU A 175 21.70 16.31 33.09
C LEU A 175 20.96 15.09 32.55
N VAL A 176 21.63 13.94 32.57
CA VAL A 176 21.09 12.69 32.02
C VAL A 176 20.96 11.65 33.12
N ASN A 177 19.74 11.12 33.30
CA ASN A 177 19.41 10.11 34.31
C ASN A 177 19.71 8.69 33.81
N VAL A 178 20.90 8.19 34.12
CA VAL A 178 21.31 6.84 33.75
C VAL A 178 20.65 5.84 34.74
N LYS A 179 20.65 4.54 34.38
CA LYS A 179 20.06 3.43 35.14
C LYS A 179 20.71 2.09 34.70
N PHE A 180 20.33 0.98 35.37
CA PHE A 180 20.84 -0.36 35.07
C PHE A 180 19.73 -1.43 35.09
N GLU A 181 20.00 -2.59 34.43
CA GLU A 181 19.09 -3.74 34.29
C GLU A 181 18.63 -4.27 35.67
N GLY A 182 17.32 -4.10 35.94
CA GLY A 182 16.67 -4.51 37.19
C GLY A 182 16.70 -3.47 38.30
N SER A 183 17.85 -2.74 38.39
CA SER A 183 18.17 -1.67 39.35
C SER A 183 17.19 -0.48 39.24
N GLU A 184 16.46 -0.19 40.34
CA GLU A 184 15.53 0.94 40.46
C GLU A 184 16.26 2.16 41.07
N GLU A 185 17.62 2.18 40.92
CA GLU A 185 18.56 3.20 41.40
C GLU A 185 19.19 3.99 40.23
N SER A 186 18.76 5.25 40.10
CA SER A 186 19.14 6.20 39.06
C SER A 186 20.53 6.86 39.27
N PHE A 187 21.15 7.32 38.15
CA PHE A 187 22.47 7.96 38.10
C PHE A 187 22.50 9.23 37.23
N THR A 188 21.91 10.35 37.75
CA THR A 188 21.84 11.65 37.07
C THR A 188 23.26 12.23 36.85
N PHE A 189 23.90 11.84 35.73
CA PHE A 189 25.23 12.29 35.34
C PHE A 189 25.08 13.31 34.19
N GLN A 190 25.70 14.50 34.33
CA GLN A 190 25.64 15.55 33.30
C GLN A 190 26.79 15.40 32.30
N VAL A 191 26.52 15.65 30.99
CA VAL A 191 27.55 15.51 29.94
C VAL A 191 27.42 16.55 28.79
N SER A 192 28.47 16.60 27.94
CA SER A 192 28.55 17.49 26.78
C SER A 192 27.59 17.09 25.69
N THR A 193 26.97 18.09 25.05
CA THR A 193 26.01 17.94 23.96
C THR A 193 26.65 17.12 22.81
N LYS A 194 27.93 17.39 22.48
CA LYS A 194 28.67 16.70 21.41
C LYS A 194 29.44 15.47 21.90
N ASP A 195 28.93 14.76 22.92
CA ASP A 195 29.58 13.55 23.45
C ASP A 195 29.17 12.26 22.73
N VAL A 196 30.16 11.41 22.43
CA VAL A 196 29.96 10.10 21.79
C VAL A 196 29.28 9.16 22.81
N PRO A 197 28.65 8.03 22.40
CA PRO A 197 27.97 7.14 23.37
C PRO A 197 28.82 6.63 24.55
N LEU A 198 30.05 6.11 24.30
CA LEU A 198 30.93 5.59 25.35
C LEU A 198 31.14 6.58 26.51
N ALA A 199 31.30 7.88 26.18
CA ALA A 199 31.44 8.97 27.16
C ALA A 199 30.29 8.97 28.17
N LEU A 200 29.04 8.78 27.68
CA LEU A 200 27.83 8.71 28.50
C LEU A 200 27.67 7.31 29.10
N MET A 201 28.45 6.32 28.59
CA MET A 201 28.38 4.93 29.04
C MET A 201 29.33 4.64 30.18
N ALA A 202 30.55 4.13 29.88
CA ALA A 202 31.61 3.71 30.82
C ALA A 202 31.84 4.63 32.01
N CYS A 203 31.50 5.94 31.87
CA CYS A 203 31.61 6.93 32.93
C CYS A 203 30.61 6.59 34.04
N ALA A 204 29.35 6.23 33.66
CA ALA A 204 28.27 5.83 34.58
C ALA A 204 28.52 4.43 35.18
N LEU A 205 29.35 3.59 34.49
CA LEU A 205 29.80 2.27 34.95
C LEU A 205 30.89 2.51 36.02
N ARG A 206 31.71 3.58 35.84
CA ARG A 206 32.74 4.05 36.77
C ARG A 206 32.10 4.82 37.93
N LYS A 207 30.93 5.46 37.69
CA LYS A 207 30.17 6.23 38.67
C LYS A 207 29.44 5.30 39.65
N LYS A 208 29.19 4.04 39.24
CA LYS A 208 28.55 3.02 40.06
C LYS A 208 29.59 2.38 40.99
N ALA A 209 30.76 2.00 40.43
CA ALA A 209 31.89 1.38 41.15
C ALA A 209 32.49 2.31 42.23
N THR A 210 32.49 3.64 41.98
CA THR A 210 32.99 4.66 42.91
C THR A 210 31.84 5.31 43.68
N GLU A 221 33.14 -0.45 26.65
CA GLU A 221 32.82 -1.05 25.36
C GLU A 221 31.78 -2.19 25.45
N ASP A 222 31.24 -2.41 26.64
CA ASP A 222 30.19 -3.41 26.82
C ASP A 222 28.89 -2.68 27.08
N TYR A 223 27.75 -3.30 26.70
CA TYR A 223 26.40 -2.75 26.80
C TYR A 223 26.19 -1.51 25.87
N THR A 224 24.93 -1.03 25.74
CA THR A 224 24.54 0.14 24.95
C THR A 224 23.46 0.86 25.73
N LEU A 225 23.28 2.15 25.49
CA LEU A 225 22.19 2.85 26.19
C LEU A 225 20.86 2.56 25.47
N GLN A 226 19.77 2.48 26.23
CA GLN A 226 18.43 2.22 25.70
C GLN A 226 17.45 3.22 26.31
N VAL A 227 16.61 3.85 25.47
CA VAL A 227 15.61 4.80 25.94
C VAL A 227 14.57 3.99 26.71
N ASN A 228 14.31 4.38 27.96
CA ASN A 228 13.35 3.72 28.86
C ASN A 228 11.97 3.60 28.20
N GLY A 229 11.39 2.39 28.24
CA GLY A 229 10.07 2.07 27.71
C GLY A 229 9.90 2.31 26.21
N ARG A 230 11.01 2.12 25.49
CA ARG A 230 11.16 2.28 24.05
C ARG A 230 12.14 1.25 23.56
N HIS A 231 12.08 0.97 22.27
CA HIS A 231 13.02 0.10 21.60
C HIS A 231 13.94 1.01 20.78
N GLU A 232 14.50 2.06 21.42
CA GLU A 232 15.44 3.00 20.81
C GLU A 232 16.78 2.94 21.56
N TYR A 233 17.85 2.59 20.84
CA TYR A 233 19.17 2.44 21.44
C TYR A 233 20.15 3.52 20.97
N LEU A 234 20.95 4.07 21.92
CA LEU A 234 21.99 5.07 21.69
C LEU A 234 23.34 4.33 21.57
N TYR A 235 23.94 4.35 20.38
CA TYR A 235 25.20 3.68 20.06
C TYR A 235 25.87 4.26 18.78
N GLY A 236 27.00 3.68 18.36
CA GLY A 236 27.75 4.09 17.17
C GLY A 236 28.49 5.41 17.32
N SER A 237 29.30 5.74 16.30
CA SER A 237 30.16 6.94 16.23
C SER A 237 29.43 8.34 16.15
N TYR A 238 28.31 8.57 16.87
CA TYR A 238 27.60 9.86 16.73
C TYR A 238 27.46 10.73 18.00
N PRO A 239 27.46 12.09 17.88
CA PRO A 239 27.25 12.95 19.07
C PRO A 239 25.85 12.79 19.64
N LEU A 240 25.73 12.91 20.97
CA LEU A 240 24.46 12.72 21.68
C LEU A 240 23.31 13.56 21.12
N CYS A 241 23.55 14.85 20.86
CA CYS A 241 22.54 15.81 20.36
C CYS A 241 21.89 15.40 19.02
N GLN A 242 22.59 14.56 18.19
CA GLN A 242 22.14 14.05 16.89
C GLN A 242 21.14 12.86 16.99
N PHE A 243 20.78 12.42 18.21
CA PHE A 243 19.85 11.32 18.46
C PHE A 243 18.49 11.92 18.76
N GLN A 244 17.45 11.59 17.96
CA GLN A 244 16.09 12.11 18.07
C GLN A 244 15.59 12.30 19.50
N TYR A 245 15.86 11.31 20.39
CA TYR A 245 15.43 11.34 21.80
C TYR A 245 16.08 12.49 22.56
N ILE A 246 17.42 12.45 22.64
CA ILE A 246 18.25 13.44 23.31
C ILE A 246 17.86 14.83 22.80
N CYS A 247 17.82 14.96 21.47
CA CYS A 247 17.46 16.15 20.69
C CYS A 247 16.11 16.72 21.13
N SER A 248 15.05 15.87 21.20
CA SER A 248 13.70 16.26 21.61
C SER A 248 13.65 16.60 23.09
N CYS A 249 14.50 15.92 23.89
CA CYS A 249 14.64 16.12 25.33
C CYS A 249 15.19 17.51 25.57
N LEU A 250 16.33 17.87 24.91
CA LEU A 250 16.97 19.18 24.97
C LEU A 250 15.94 20.29 24.69
N HIS A 251 15.25 20.22 23.54
CA HIS A 251 14.22 21.19 23.12
C HIS A 251 13.03 21.27 24.08
N SER A 252 12.45 20.11 24.48
CA SER A 252 11.32 20.06 25.43
C SER A 252 11.76 20.27 26.90
N GLY A 253 13.06 20.50 27.12
CA GLY A 253 13.65 20.72 28.44
C GLY A 253 14.08 19.44 29.14
N LEU A 254 13.12 18.48 29.26
CA LEU A 254 13.15 17.15 29.89
C LEU A 254 14.51 16.42 29.85
N THR A 255 14.83 15.70 30.94
CA THR A 255 16.10 14.97 31.11
C THR A 255 16.02 13.52 30.58
N PRO A 256 16.96 13.13 29.69
CA PRO A 256 16.91 11.78 29.11
C PRO A 256 17.21 10.63 30.07
N HIS A 257 16.29 9.64 30.15
CA HIS A 257 16.47 8.46 31.00
C HIS A 257 16.88 7.24 30.19
N LEU A 258 18.16 6.90 30.27
CA LEU A 258 18.75 5.74 29.59
C LEU A 258 18.76 4.52 30.54
N THR A 259 19.31 3.38 30.08
CA THR A 259 19.46 2.12 30.80
C THR A 259 20.62 1.39 30.13
N MET A 260 21.50 0.79 30.94
CA MET A 260 22.64 0.04 30.42
C MET A 260 22.27 -1.45 30.29
N VAL A 261 21.98 -1.89 29.04
CA VAL A 261 21.60 -3.27 28.73
C VAL A 261 22.80 -4.02 28.18
N HIS A 262 23.27 -5.01 28.94
CA HIS A 262 24.45 -5.85 28.66
C HIS A 262 24.34 -6.64 27.35
N SER A 263 25.49 -7.06 26.79
CA SER A 263 25.59 -7.88 25.58
C SER A 263 24.77 -9.18 25.72
N SER A 264 24.74 -9.75 26.94
CA SER A 264 24.01 -10.95 27.35
C SER A 264 22.47 -10.80 27.17
N SER A 265 21.96 -9.61 27.50
CA SER A 265 20.54 -9.23 27.40
C SER A 265 20.11 -9.09 25.94
N ILE A 266 21.04 -8.60 25.06
CA ILE A 266 20.83 -8.43 23.62
C ILE A 266 20.79 -9.79 22.92
N LEU A 267 21.74 -10.71 23.29
CA LEU A 267 21.83 -12.08 22.77
C LEU A 267 20.59 -12.87 23.14
N ALA A 268 19.97 -12.54 24.29
CA ALA A 268 18.72 -13.13 24.77
C ALA A 268 17.57 -12.70 23.83
N MET A 269 17.61 -11.43 23.32
CA MET A 269 16.64 -10.90 22.35
C MET A 269 16.88 -11.61 21.00
N ARG A 270 18.17 -11.64 20.56
CA ARG A 270 18.67 -12.28 19.33
C ARG A 270 18.21 -13.74 19.17
N ASP A 271 17.95 -14.43 20.32
CA ASP A 271 17.50 -15.81 20.36
C ASP A 271 16.21 -15.96 21.18
N LEU A 300 16.96 -18.55 -33.48
CA LEU A 300 17.63 -17.31 -33.11
C LEU A 300 17.30 -16.15 -34.09
N TRP A 301 16.62 -15.08 -33.60
CA TRP A 301 16.16 -13.88 -34.37
C TRP A 301 15.25 -14.26 -35.54
N SER A 302 15.88 -14.71 -36.68
CA SER A 302 15.39 -15.24 -37.96
C SER A 302 13.99 -14.79 -38.41
N LEU A 303 12.91 -15.18 -37.70
CA LEU A 303 11.49 -14.91 -37.95
C LEU A 303 11.19 -13.49 -38.52
N GLU A 304 11.30 -13.36 -39.87
CA GLU A 304 11.10 -12.11 -40.62
C GLU A 304 9.68 -12.00 -41.12
N GLN A 305 8.84 -12.98 -40.74
CA GLN A 305 7.42 -13.02 -41.06
C GLN A 305 6.68 -12.06 -40.06
N PRO A 306 5.44 -11.56 -40.35
CA PRO A 306 4.80 -10.64 -39.37
C PRO A 306 4.37 -11.31 -38.07
N PHE A 307 4.07 -10.47 -37.05
CA PHE A 307 3.56 -10.94 -35.78
C PHE A 307 2.10 -11.27 -36.01
N ARG A 308 1.75 -12.55 -35.80
CA ARG A 308 0.41 -13.10 -35.99
C ARG A 308 -0.26 -13.47 -34.65
N ILE A 309 -1.58 -13.23 -34.55
CA ILE A 309 -2.38 -13.61 -33.38
C ILE A 309 -3.78 -14.05 -33.83
N GLU A 310 -4.23 -15.22 -33.33
CA GLU A 310 -5.53 -15.74 -33.71
C GLU A 310 -6.57 -15.47 -32.64
N LEU A 311 -7.40 -14.43 -32.85
CA LEU A 311 -8.49 -14.13 -31.93
C LEU A 311 -9.58 -15.19 -32.15
N ILE A 312 -9.58 -16.21 -31.30
CA ILE A 312 -10.51 -17.31 -31.42
C ILE A 312 -11.90 -16.89 -30.84
N GLN A 313 -12.07 -16.90 -29.51
CA GLN A 313 -13.35 -16.65 -28.86
C GLN A 313 -13.28 -15.58 -27.69
N GLY A 314 -14.46 -15.30 -27.15
CA GLY A 314 -14.72 -14.46 -25.98
C GLY A 314 -15.63 -15.23 -25.05
N SER A 315 -15.70 -14.86 -23.75
CA SER A 315 -16.53 -15.57 -22.77
C SER A 315 -17.20 -14.64 -21.78
N LYS A 316 -18.27 -15.11 -21.14
CA LYS A 316 -19.03 -14.43 -20.10
C LYS A 316 -19.17 -12.89 -20.30
N VAL A 317 -19.44 -12.45 -21.56
CA VAL A 317 -19.64 -11.03 -21.89
C VAL A 317 -21.03 -10.57 -21.43
N ASN A 318 -21.12 -9.34 -20.90
CA ASN A 318 -22.37 -8.77 -20.41
C ASN A 318 -22.58 -7.43 -21.07
N ALA A 319 -23.17 -7.44 -22.27
CA ALA A 319 -23.40 -6.21 -23.02
C ALA A 319 -24.84 -6.10 -23.59
N ASP A 320 -25.24 -4.88 -24.05
CA ASP A 320 -26.53 -4.58 -24.65
C ASP A 320 -26.65 -5.40 -25.95
N GLU A 321 -27.65 -6.29 -26.01
CA GLU A 321 -27.90 -7.21 -27.12
C GLU A 321 -28.07 -6.52 -28.48
N ARG A 322 -28.56 -5.25 -28.47
CA ARG A 322 -28.78 -4.42 -29.66
C ARG A 322 -27.47 -4.17 -30.39
N MET A 323 -26.38 -3.89 -29.62
CA MET A 323 -25.01 -3.63 -30.05
C MET A 323 -24.33 -4.78 -30.78
N LYS A 324 -23.08 -4.54 -31.21
CA LYS A 324 -22.17 -5.49 -31.84
C LYS A 324 -20.85 -5.45 -31.05
N LEU A 325 -20.18 -6.59 -30.89
CA LEU A 325 -18.92 -6.65 -30.14
C LEU A 325 -17.70 -6.59 -31.03
N VAL A 326 -16.74 -5.73 -30.68
CA VAL A 326 -15.45 -5.59 -31.37
C VAL A 326 -14.30 -5.80 -30.38
N VAL A 327 -13.18 -6.39 -30.85
CA VAL A 327 -11.99 -6.55 -30.03
C VAL A 327 -10.82 -5.77 -30.69
N GLN A 328 -10.43 -4.62 -30.09
CA GLN A 328 -9.30 -3.81 -30.59
C GLN A 328 -7.98 -4.31 -29.97
N ALA A 329 -6.95 -4.48 -30.80
CA ALA A 329 -5.65 -4.97 -30.34
C ALA A 329 -4.49 -4.12 -30.82
N GLY A 330 -3.52 -3.90 -29.93
CA GLY A 330 -2.31 -3.14 -30.24
C GLY A 330 -1.09 -3.77 -29.61
N LEU A 331 0.08 -3.41 -30.14
CA LEU A 331 1.33 -3.90 -29.57
C LEU A 331 1.99 -2.70 -28.93
N PHE A 332 2.62 -2.91 -27.75
CA PHE A 332 3.26 -1.82 -26.98
C PHE A 332 4.59 -2.20 -26.33
N HIS A 333 5.39 -1.16 -26.01
CA HIS A 333 6.64 -1.23 -25.23
C HIS A 333 6.59 -0.01 -24.31
N GLY A 334 6.11 -0.26 -23.10
CA GLY A 334 5.87 0.78 -22.12
C GLY A 334 4.64 1.55 -22.54
N ASN A 335 4.79 2.86 -22.71
CA ASN A 335 3.69 3.68 -23.17
C ASN A 335 3.60 3.73 -24.71
N GLU A 336 4.76 3.55 -25.42
CA GLU A 336 4.88 3.61 -26.88
C GLU A 336 4.20 2.49 -27.63
N MET A 337 3.55 2.84 -28.74
CA MET A 337 2.92 1.89 -29.62
C MET A 337 4.00 1.35 -30.54
N LEU A 338 4.13 0.02 -30.57
CA LEU A 338 5.14 -0.65 -31.38
C LEU A 338 4.79 -0.74 -32.86
N CYS A 339 3.49 -0.51 -33.23
CA CYS A 339 2.92 -0.51 -34.59
C CYS A 339 1.43 -0.17 -34.55
N LYS A 340 0.80 -0.03 -35.75
CA LYS A 340 -0.64 0.26 -35.93
C LYS A 340 -1.56 -0.80 -35.24
N THR A 341 -2.69 -0.32 -34.67
CA THR A 341 -3.68 -1.10 -33.91
C THR A 341 -4.74 -1.82 -34.74
N VAL A 342 -4.49 -3.11 -35.05
CA VAL A 342 -5.37 -4.02 -35.81
C VAL A 342 -6.65 -4.27 -35.03
N SER A 343 -7.81 -4.29 -35.72
CA SER A 343 -9.10 -4.56 -35.08
C SER A 343 -9.83 -5.81 -35.68
N SER A 344 -10.75 -6.38 -34.90
CA SER A 344 -11.57 -7.54 -35.26
C SER A 344 -12.86 -7.10 -35.99
N SER A 345 -13.58 -8.07 -36.55
CA SER A 345 -14.84 -7.78 -37.20
C SER A 345 -15.94 -7.65 -36.13
N GLU A 346 -17.06 -7.02 -36.50
CA GLU A 346 -18.17 -6.90 -35.59
C GLU A 346 -18.90 -8.28 -35.65
N VAL A 347 -19.37 -8.76 -34.48
CA VAL A 347 -20.07 -10.02 -34.20
C VAL A 347 -21.22 -9.62 -33.25
N SER A 348 -22.40 -10.28 -33.34
CA SER A 348 -23.55 -9.91 -32.49
C SER A 348 -23.32 -10.16 -31.00
N VAL A 349 -23.83 -9.22 -30.17
CA VAL A 349 -23.73 -9.28 -28.71
C VAL A 349 -24.40 -10.51 -28.13
N CYS A 350 -23.57 -11.37 -27.53
CA CYS A 350 -23.89 -12.62 -26.83
C CYS A 350 -22.82 -12.87 -25.75
N SER A 351 -23.11 -13.79 -24.81
CA SER A 351 -22.23 -14.19 -23.72
C SER A 351 -20.88 -14.80 -24.22
N GLU A 352 -20.91 -15.77 -25.13
CA GLU A 352 -19.66 -16.37 -25.64
C GLU A 352 -19.45 -16.05 -27.14
N PRO A 353 -18.97 -14.84 -27.50
CA PRO A 353 -18.83 -14.51 -28.94
C PRO A 353 -17.64 -15.18 -29.57
N VAL A 354 -17.81 -15.65 -30.82
CA VAL A 354 -16.75 -16.35 -31.55
C VAL A 354 -16.29 -15.50 -32.72
N TRP A 355 -14.96 -15.40 -32.91
CA TRP A 355 -14.38 -14.61 -34.00
C TRP A 355 -13.58 -15.47 -34.95
N LYS A 356 -12.82 -16.48 -34.42
CA LYS A 356 -11.92 -17.38 -35.16
C LYS A 356 -11.25 -16.63 -36.35
N GLN A 357 -10.71 -15.42 -36.05
CA GLN A 357 -10.13 -14.48 -37.00
C GLN A 357 -8.66 -14.23 -36.75
N ARG A 358 -7.85 -14.22 -37.82
CA ARG A 358 -6.41 -13.97 -37.72
C ARG A 358 -6.14 -12.46 -37.73
N LEU A 359 -5.24 -12.02 -36.84
CA LEU A 359 -4.80 -10.63 -36.68
C LEU A 359 -3.30 -10.55 -36.92
N GLU A 360 -2.91 -9.74 -37.90
CA GLU A 360 -1.51 -9.54 -38.30
C GLU A 360 -1.11 -8.12 -37.94
N PHE A 361 0.16 -7.93 -37.61
CA PHE A 361 0.64 -6.62 -37.21
C PHE A 361 1.82 -6.18 -38.03
N ASP A 362 1.92 -4.85 -38.28
CA ASP A 362 3.02 -4.22 -39.02
C ASP A 362 4.33 -4.20 -38.20
N ILE A 363 4.74 -5.38 -37.69
CA ILE A 363 5.96 -5.64 -36.92
C ILE A 363 6.43 -7.09 -37.21
N ASN A 364 7.67 -7.25 -37.69
CA ASN A 364 8.22 -8.57 -38.03
C ASN A 364 8.94 -9.18 -36.82
N ILE A 365 8.35 -10.25 -36.22
CA ILE A 365 8.72 -11.07 -35.04
C ILE A 365 10.13 -10.84 -34.44
N CYS A 366 11.19 -10.78 -35.26
CA CYS A 366 12.57 -10.54 -34.83
C CYS A 366 12.81 -9.10 -34.26
N ASP A 367 11.88 -8.17 -34.56
CA ASP A 367 11.87 -6.75 -34.16
C ASP A 367 11.19 -6.51 -32.80
N LEU A 368 10.38 -7.49 -32.33
CA LEU A 368 9.66 -7.41 -31.06
C LEU A 368 10.66 -7.34 -29.90
N PRO A 369 10.63 -6.26 -29.06
CA PRO A 369 11.59 -6.19 -27.93
C PRO A 369 11.24 -7.18 -26.83
N ARG A 370 12.16 -7.37 -25.88
CA ARG A 370 11.99 -8.32 -24.77
C ARG A 370 10.72 -8.06 -23.96
N MET A 371 10.39 -6.78 -23.77
CA MET A 371 9.29 -6.33 -22.94
C MET A 371 8.02 -5.98 -23.72
N ALA A 372 7.90 -6.48 -24.97
CA ALA A 372 6.74 -6.27 -25.83
C ALA A 372 5.49 -6.87 -25.21
N ARG A 373 4.43 -6.06 -25.13
CA ARG A 373 3.15 -6.46 -24.57
C ARG A 373 1.99 -6.31 -25.55
N LEU A 374 1.17 -7.36 -25.69
CA LEU A 374 -0.03 -7.40 -26.51
C LEU A 374 -1.14 -6.92 -25.63
N CYS A 375 -1.82 -5.86 -26.07
CA CYS A 375 -2.91 -5.22 -25.35
C CYS A 375 -4.23 -5.42 -26.07
N PHE A 376 -5.27 -5.77 -25.32
CA PHE A 376 -6.62 -6.03 -25.81
C PHE A 376 -7.63 -5.21 -25.06
N ALA A 377 -8.66 -4.77 -25.79
CA ALA A 377 -9.83 -4.07 -25.28
C ALA A 377 -11.04 -4.61 -26.06
N LEU A 378 -12.10 -5.00 -25.35
CA LEU A 378 -13.37 -5.48 -25.90
C LEU A 378 -14.34 -4.29 -25.81
N TYR A 379 -14.94 -3.96 -26.95
CA TYR A 379 -15.84 -2.83 -27.08
C TYR A 379 -17.19 -3.27 -27.59
N ALA A 380 -18.25 -2.56 -27.16
CA ALA A 380 -19.63 -2.77 -27.63
C ALA A 380 -19.96 -1.57 -28.53
N VAL A 381 -19.76 -1.79 -29.84
CA VAL A 381 -19.95 -0.82 -30.94
C VAL A 381 -21.37 -0.88 -31.51
N ILE A 382 -21.97 0.31 -31.74
CA ILE A 382 -23.27 0.44 -32.39
C ILE A 382 -22.97 0.21 -33.90
N GLU A 383 -23.48 -0.93 -34.48
CA GLU A 383 -23.26 -1.34 -35.89
C GLU A 383 -23.40 -0.14 -36.85
N LYS A 384 -22.35 0.10 -37.68
CA LYS A 384 -22.15 1.20 -38.64
C LYS A 384 -23.43 1.83 -39.26
N ALA A 385 -23.51 3.18 -39.19
CA ALA A 385 -24.61 4.02 -39.69
C ALA A 385 -24.12 4.93 -40.83
N LYS A 397 -23.94 7.33 -29.40
CA LYS A 397 -22.90 8.01 -30.20
C LYS A 397 -21.46 7.74 -29.71
N ALA A 398 -21.31 7.03 -28.55
CA ALA A 398 -20.01 6.68 -27.94
C ALA A 398 -19.75 5.16 -27.86
N ASP A 399 -18.54 4.73 -28.26
CA ASP A 399 -18.15 3.32 -28.21
C ASP A 399 -17.89 2.86 -26.76
N CYS A 400 -18.71 1.91 -26.27
CA CYS A 400 -18.68 1.36 -24.92
C CYS A 400 -17.42 0.50 -24.65
N PRO A 401 -16.55 0.92 -23.68
CA PRO A 401 -15.38 0.09 -23.36
C PRO A 401 -15.80 -0.94 -22.32
N ILE A 402 -15.76 -2.22 -22.71
CA ILE A 402 -16.23 -3.32 -21.88
C ILE A 402 -15.15 -3.73 -20.88
N ALA A 403 -14.10 -4.35 -21.41
CA ALA A 403 -13.00 -4.88 -20.63
C ALA A 403 -11.72 -4.81 -21.40
N TRP A 404 -10.61 -5.03 -20.72
CA TRP A 404 -9.29 -5.01 -21.31
C TRP A 404 -8.46 -6.11 -20.68
N ALA A 405 -7.31 -6.43 -21.31
CA ALA A 405 -6.35 -7.43 -20.88
C ALA A 405 -5.04 -7.20 -21.60
N ASN A 406 -3.90 -7.33 -20.87
CA ASN A 406 -2.57 -7.18 -21.49
C ASN A 406 -1.84 -8.46 -21.31
N LEU A 407 -0.92 -8.74 -22.23
CA LEU A 407 -0.21 -10.00 -22.21
C LEU A 407 1.24 -9.77 -22.64
N MET A 408 2.19 -10.41 -21.94
CA MET A 408 3.60 -10.31 -22.33
C MET A 408 3.83 -11.25 -23.52
N LEU A 409 4.44 -10.76 -24.62
CA LEU A 409 4.71 -11.57 -25.83
C LEU A 409 5.75 -12.69 -25.59
N PHE A 410 6.65 -12.47 -24.59
CA PHE A 410 7.67 -13.42 -24.11
C PHE A 410 7.39 -13.73 -22.64
N ASP A 411 7.65 -14.98 -22.21
CA ASP A 411 7.48 -15.42 -20.83
C ASP A 411 8.65 -14.98 -19.93
N TYR A 412 8.57 -15.28 -18.63
CA TYR A 412 9.60 -14.95 -17.65
C TYR A 412 10.97 -15.67 -17.84
N LYS A 413 11.06 -16.62 -18.79
CA LYS A 413 12.29 -17.38 -19.01
C LYS A 413 12.96 -17.00 -20.34
N ASP A 414 12.58 -15.81 -20.88
CA ASP A 414 13.01 -15.21 -22.16
C ASP A 414 12.36 -15.88 -23.41
N GLN A 415 11.55 -16.93 -23.23
CA GLN A 415 10.93 -17.67 -24.34
C GLN A 415 9.65 -17.03 -24.89
N LEU A 416 9.55 -16.92 -26.25
CA LEU A 416 8.38 -16.37 -26.93
C LEU A 416 7.17 -17.31 -26.77
N LYS A 417 6.07 -16.77 -26.24
CA LYS A 417 4.87 -17.54 -25.97
C LYS A 417 4.21 -18.08 -27.22
N THR A 418 3.93 -19.39 -27.23
CA THR A 418 3.21 -20.03 -28.34
C THR A 418 2.04 -20.79 -27.75
N GLY A 419 1.03 -21.00 -28.58
CA GLY A 419 -0.18 -21.70 -28.21
C GLY A 419 -1.29 -20.79 -27.77
N GLU A 420 -2.40 -21.42 -27.43
CA GLU A 420 -3.62 -20.83 -26.94
C GLU A 420 -3.35 -20.23 -25.53
N ARG A 421 -4.09 -19.15 -25.20
CA ARG A 421 -4.11 -18.45 -23.91
C ARG A 421 -5.54 -18.01 -23.65
N CYS A 422 -6.02 -18.20 -22.43
CA CYS A 422 -7.35 -17.76 -22.02
C CYS A 422 -7.12 -16.60 -21.05
N LEU A 423 -7.30 -15.35 -21.51
CA LEU A 423 -7.04 -14.14 -20.73
C LEU A 423 -8.24 -13.59 -20.00
N TYR A 424 -8.35 -13.87 -18.69
CA TYR A 424 -9.45 -13.35 -17.88
C TYR A 424 -9.30 -11.82 -17.73
N MET A 425 -10.26 -11.07 -18.33
CA MET A 425 -10.27 -9.60 -18.51
C MET A 425 -10.81 -8.81 -17.37
N TRP A 426 -10.33 -7.55 -17.29
CA TRP A 426 -10.67 -6.52 -16.30
C TRP A 426 -11.60 -5.49 -16.91
N PRO A 427 -12.55 -4.94 -16.15
CA PRO A 427 -13.43 -3.90 -16.72
C PRO A 427 -12.71 -2.60 -17.07
N SER A 428 -13.14 -2.02 -18.16
CA SER A 428 -12.60 -0.77 -18.61
C SER A 428 -13.36 0.29 -17.85
N VAL A 429 -12.62 1.20 -17.21
CA VAL A 429 -13.17 2.33 -16.49
C VAL A 429 -13.27 3.50 -17.48
N PRO A 430 -14.46 4.13 -17.62
CA PRO A 430 -14.56 5.29 -18.53
C PRO A 430 -13.86 6.51 -17.89
N ASP A 431 -12.96 7.13 -18.65
CA ASP A 431 -12.17 8.24 -18.12
C ASP A 431 -11.85 9.30 -19.18
N GLU A 432 -11.16 10.39 -18.74
CA GLU A 432 -10.69 11.55 -19.51
C GLU A 432 -9.95 11.08 -20.78
N LYS A 433 -8.91 10.25 -20.62
CA LYS A 433 -8.18 9.67 -21.74
C LYS A 433 -8.99 8.48 -22.24
N GLY A 434 -9.86 8.76 -23.23
CA GLY A 434 -10.76 7.77 -23.84
C GLY A 434 -10.05 6.46 -24.14
N GLU A 435 -8.87 6.58 -24.82
CA GLU A 435 -7.90 5.56 -25.24
C GLU A 435 -8.48 4.21 -25.56
N LEU A 436 -8.23 3.73 -26.80
CA LEU A 436 -8.74 2.42 -27.21
C LEU A 436 -8.22 1.33 -26.25
N LEU A 437 -6.90 1.30 -26.02
CA LEU A 437 -6.25 0.33 -25.16
C LEU A 437 -5.69 0.90 -23.84
N ASN A 438 -5.33 -0.02 -22.91
CA ASN A 438 -4.78 0.32 -21.61
C ASN A 438 -3.38 -0.33 -21.44
N PRO A 439 -2.33 0.18 -22.14
CA PRO A 439 -0.98 -0.44 -22.05
C PRO A 439 -0.31 -0.36 -20.67
N THR A 440 -0.75 0.57 -19.83
CA THR A 440 -0.19 0.75 -18.50
C THR A 440 -0.82 -0.28 -17.53
N GLY A 441 -1.89 -0.91 -17.98
CA GLY A 441 -2.58 -1.93 -17.21
C GLY A 441 -1.72 -3.15 -16.94
N THR A 442 -2.10 -3.89 -15.91
CA THR A 442 -1.44 -5.09 -15.41
C THR A 442 -1.46 -6.22 -16.49
N VAL A 443 -0.39 -7.00 -16.55
CA VAL A 443 -0.25 -8.16 -17.43
C VAL A 443 -0.82 -9.46 -16.78
N ARG A 444 -1.14 -9.40 -15.48
CA ARG A 444 -1.69 -10.57 -14.76
C ARG A 444 -3.19 -10.68 -15.05
N SER A 445 -3.73 -11.91 -15.05
CA SER A 445 -5.15 -12.14 -15.31
C SER A 445 -6.02 -11.76 -14.12
N ASN A 446 -7.28 -11.38 -14.40
CA ASN A 446 -8.28 -11.06 -13.37
C ASN A 446 -8.40 -12.32 -12.51
N PRO A 447 -8.12 -12.24 -11.19
CA PRO A 447 -8.17 -13.45 -10.34
C PRO A 447 -9.54 -14.08 -10.21
N ASN A 448 -10.59 -13.34 -10.58
CA ASN A 448 -11.98 -13.76 -10.54
C ASN A 448 -12.28 -14.67 -11.73
N THR A 449 -11.44 -15.70 -11.97
CA THR A 449 -11.59 -16.65 -13.09
C THR A 449 -12.99 -17.28 -13.06
N ASP A 450 -13.63 -17.18 -11.88
CA ASP A 450 -14.99 -17.58 -11.53
C ASP A 450 -16.04 -16.91 -12.45
N SER A 451 -16.44 -15.65 -12.17
CA SER A 451 -17.51 -14.92 -12.86
C SER A 451 -17.08 -13.86 -13.94
N ALA A 452 -15.76 -13.58 -14.10
CA ALA A 452 -15.28 -12.56 -15.03
C ALA A 452 -15.24 -12.95 -16.52
N ALA A 453 -15.35 -11.93 -17.42
CA ALA A 453 -15.25 -12.10 -18.88
C ALA A 453 -13.83 -12.46 -19.24
N ALA A 454 -13.63 -13.15 -20.36
CA ALA A 454 -12.31 -13.58 -20.81
C ALA A 454 -12.25 -13.60 -22.32
N LEU A 455 -11.05 -13.71 -22.88
CA LEU A 455 -10.83 -13.73 -24.30
C LEU A 455 -9.88 -14.86 -24.62
N LEU A 456 -10.27 -15.74 -25.58
CA LEU A 456 -9.50 -16.91 -26.02
C LEU A 456 -8.70 -16.55 -27.24
N ILE A 457 -7.36 -16.58 -27.08
CA ILE A 457 -6.42 -16.22 -28.13
C ILE A 457 -5.47 -17.36 -28.35
N CYS A 458 -4.81 -17.36 -29.51
CA CYS A 458 -3.84 -18.39 -29.81
C CYS A 458 -2.67 -17.78 -30.55
N LEU A 459 -1.51 -17.75 -29.89
CA LEU A 459 -0.26 -17.28 -30.48
C LEU A 459 0.26 -18.53 -31.23
N PRO A 460 0.71 -18.41 -32.49
CA PRO A 460 1.08 -19.64 -33.22
C PRO A 460 2.54 -20.07 -33.08
N GLU A 461 2.82 -21.37 -33.29
CA GLU A 461 4.17 -21.89 -33.27
C GLU A 461 4.88 -21.34 -34.52
N VAL A 462 6.20 -21.11 -34.43
CA VAL A 462 6.91 -20.50 -35.55
C VAL A 462 8.29 -21.19 -35.80
N ALA A 463 8.53 -22.34 -35.12
CA ALA A 463 9.75 -23.15 -35.19
C ALA A 463 9.57 -24.55 -34.55
N PRO A 464 10.30 -25.62 -35.02
CA PRO A 464 10.16 -26.94 -34.37
C PRO A 464 10.73 -26.98 -32.95
N HIS A 465 11.66 -26.07 -32.63
CA HIS A 465 12.26 -25.89 -31.32
C HIS A 465 11.76 -24.54 -30.74
N PRO A 466 11.55 -24.41 -29.40
CA PRO A 466 11.09 -23.10 -28.86
C PRO A 466 12.16 -22.01 -28.99
N VAL A 467 11.73 -20.78 -29.36
CA VAL A 467 12.66 -19.65 -29.56
C VAL A 467 12.63 -18.68 -28.35
N TYR A 468 13.82 -18.30 -27.88
CA TYR A 468 14.06 -17.40 -26.76
C TYR A 468 14.65 -16.10 -27.29
N TYR A 469 14.49 -15.01 -26.52
CA TYR A 469 15.05 -13.69 -26.84
C TYR A 469 16.60 -13.82 -26.70
N PRO A 470 17.44 -13.16 -27.54
CA PRO A 470 18.91 -13.35 -27.41
C PRO A 470 19.47 -13.06 -26.03
N ALA A 471 20.61 -13.69 -25.73
CA ALA A 471 21.34 -13.51 -24.48
C ALA A 471 22.09 -12.17 -24.58
N LEU A 472 22.51 -11.57 -23.42
CA LEU A 472 23.23 -10.29 -23.38
C LEU A 472 24.44 -10.26 -24.34
N GLU A 473 25.17 -11.40 -24.47
CA GLU A 473 26.36 -11.55 -25.32
C GLU A 473 26.04 -11.40 -26.80
N LYS A 474 24.91 -11.99 -27.24
CA LYS A 474 24.44 -11.93 -28.63
C LYS A 474 23.78 -10.58 -28.94
N ILE A 475 23.42 -9.82 -27.87
CA ILE A 475 22.81 -8.49 -27.94
C ILE A 475 23.95 -7.46 -28.07
N LEU A 476 24.95 -7.55 -27.18
CA LEU A 476 26.11 -6.66 -27.16
C LEU A 476 27.02 -6.85 -28.38
N GLU A 477 26.92 -8.01 -29.09
CA GLU A 477 27.70 -8.35 -30.30
C GLU A 477 27.20 -7.47 -31.45
N LEU A 478 25.92 -7.62 -31.80
CA LEU A 478 25.22 -6.85 -32.81
C LEU A 478 25.21 -5.34 -32.45
N GLY A 479 25.20 -5.03 -31.15
CA GLY A 479 25.18 -3.69 -30.61
C GLY A 479 26.37 -2.80 -30.92
N ARG A 480 27.59 -3.39 -30.99
CA ARG A 480 28.84 -2.66 -31.28
C ARG A 480 28.75 -1.85 -32.58
N HIS A 481 29.06 -0.53 -32.49
CA HIS A 481 29.08 0.44 -33.60
C HIS A 481 27.75 0.55 -34.37
N THR A 488 28.92 16.31 -35.58
CA THR A 488 29.52 17.53 -36.13
C THR A 488 29.24 18.77 -35.23
N GLU A 489 30.13 19.79 -35.28
CA GLU A 489 30.06 21.03 -34.46
C GLU A 489 28.72 21.80 -34.60
N GLU A 490 28.05 21.70 -35.78
CA GLU A 490 26.76 22.36 -36.04
C GLU A 490 25.64 21.68 -35.22
N GLU A 491 25.57 20.34 -35.29
CA GLU A 491 24.59 19.53 -34.58
C GLU A 491 24.91 19.35 -33.07
N GLN A 492 26.19 19.59 -32.67
CA GLN A 492 26.65 19.53 -31.28
C GLN A 492 26.01 20.63 -30.44
N LEU A 493 25.70 21.77 -31.09
CA LEU A 493 24.98 22.89 -30.48
C LEU A 493 23.48 22.48 -30.44
N GLN A 494 22.99 21.88 -31.57
CA GLN A 494 21.62 21.40 -31.79
C GLN A 494 21.20 20.26 -30.85
N LEU A 495 22.18 19.70 -30.10
CA LEU A 495 21.95 18.66 -29.08
C LEU A 495 21.92 19.34 -27.71
N ARG A 496 22.76 20.37 -27.52
CA ARG A 496 22.78 21.13 -26.27
C ARG A 496 21.45 21.87 -26.11
N GLU A 497 20.95 22.51 -27.21
CA GLU A 497 19.69 23.25 -27.23
C GLU A 497 18.48 22.34 -26.91
N ILE A 498 18.48 21.09 -27.42
CA ILE A 498 17.43 20.10 -27.16
C ILE A 498 17.56 19.56 -25.72
N LEU A 499 18.78 19.14 -25.30
CA LEU A 499 19.03 18.64 -23.93
C LEU A 499 19.27 19.82 -22.95
N GLU A 500 18.25 20.75 -22.89
CA GLU A 500 18.13 21.95 -22.06
C GLU A 500 16.69 22.49 -21.97
N GLY A 505 11.13 17.11 -22.00
CA GLY A 505 10.20 16.05 -21.65
C GLY A 505 9.58 15.35 -22.86
N GLU A 506 8.99 16.15 -23.77
CA GLU A 506 8.38 15.69 -25.02
C GLU A 506 9.19 16.25 -26.22
N LEU A 507 10.19 15.47 -26.68
CA LEU A 507 11.06 15.81 -27.82
C LEU A 507 10.32 15.57 -29.13
N TYR A 508 10.45 16.51 -30.08
CA TYR A 508 9.81 16.47 -31.39
C TYR A 508 10.57 15.53 -32.32
N GLU A 509 9.86 14.83 -33.24
CA GLU A 509 10.44 13.79 -34.13
C GLU A 509 11.71 14.23 -34.90
N HIS A 510 11.84 15.51 -35.24
CA HIS A 510 13.05 15.99 -35.92
C HIS A 510 14.22 16.02 -34.93
N GLU A 511 13.93 16.41 -33.66
CA GLU A 511 14.86 16.50 -32.54
C GLU A 511 15.25 15.11 -32.07
N LYS A 512 14.30 14.14 -32.13
CA LYS A 512 14.47 12.73 -31.75
C LYS A 512 15.62 12.07 -32.53
N ASP A 513 15.58 12.16 -33.88
CA ASP A 513 16.59 11.59 -34.77
C ASP A 513 17.96 12.22 -34.55
N LEU A 514 18.00 13.51 -34.14
CA LEU A 514 19.25 14.21 -33.86
C LEU A 514 19.88 13.62 -32.63
N VAL A 515 19.06 13.31 -31.61
CA VAL A 515 19.50 12.68 -30.37
C VAL A 515 20.02 11.26 -30.62
N TRP A 516 19.30 10.47 -31.48
CA TRP A 516 19.70 9.10 -31.79
C TRP A 516 20.99 9.01 -32.61
N LYS A 517 21.19 9.94 -33.58
CA LYS A 517 22.39 10.01 -34.41
C LYS A 517 23.59 10.30 -33.50
N LEU A 518 23.47 11.35 -32.66
CA LEU A 518 24.50 11.78 -31.72
C LEU A 518 24.41 11.06 -30.35
N ARG A 519 23.91 9.79 -30.35
CA ARG A 519 23.75 8.97 -29.16
C ARG A 519 25.07 8.71 -28.41
N HIS A 520 26.19 8.58 -29.12
CA HIS A 520 27.50 8.37 -28.49
C HIS A 520 27.97 9.66 -27.81
N GLU A 521 27.52 10.82 -28.33
CA GLU A 521 27.85 12.15 -27.80
C GLU A 521 27.09 12.40 -26.51
N VAL A 522 25.85 11.84 -26.44
CA VAL A 522 24.95 11.86 -25.27
C VAL A 522 25.62 11.02 -24.17
N GLN A 523 26.14 9.83 -24.48
CA GLN A 523 26.81 9.02 -23.46
C GLN A 523 28.08 9.67 -22.92
N GLU A 524 28.85 10.29 -23.83
CA GLU A 524 30.12 10.94 -23.50
C GLU A 524 29.98 12.27 -22.80
N HIS A 525 29.05 13.13 -23.24
CA HIS A 525 28.93 14.47 -22.66
C HIS A 525 27.63 14.76 -21.91
N PHE A 526 26.60 13.92 -22.07
CA PHE A 526 25.30 14.12 -21.41
C PHE A 526 24.83 12.85 -20.64
N PRO A 527 25.62 12.19 -19.75
CA PRO A 527 25.15 10.91 -19.14
C PRO A 527 23.82 10.96 -18.41
N GLU A 528 23.48 12.14 -17.84
CA GLU A 528 22.25 12.38 -17.09
C GLU A 528 21.04 12.47 -18.02
N ALA A 529 21.29 12.52 -19.35
CA ALA A 529 20.27 12.55 -20.39
C ALA A 529 19.99 11.14 -20.99
N LEU A 530 20.32 10.07 -20.22
CA LEU A 530 20.06 8.67 -20.55
C LEU A 530 18.54 8.45 -20.72
N ALA A 531 17.70 9.09 -19.89
CA ALA A 531 16.24 8.93 -20.00
C ALA A 531 15.75 9.45 -21.35
N ARG A 532 16.25 10.64 -21.75
CA ARG A 532 15.94 11.27 -23.03
C ARG A 532 16.37 10.37 -24.20
N LEU A 533 17.58 9.76 -24.08
CA LEU A 533 18.08 8.84 -25.09
C LEU A 533 17.25 7.57 -25.21
N LEU A 534 16.77 6.99 -24.09
CA LEU A 534 15.95 5.78 -24.15
C LEU A 534 14.61 5.99 -24.83
N LEU A 535 14.03 7.19 -24.72
CA LEU A 535 12.73 7.52 -25.31
C LEU A 535 12.82 7.83 -26.82
N VAL A 536 14.01 8.25 -27.31
CA VAL A 536 14.16 8.54 -28.74
C VAL A 536 14.37 7.26 -29.55
N THR A 537 14.90 6.19 -28.90
CA THR A 537 15.19 4.85 -29.43
C THR A 537 13.94 4.18 -29.99
N LYS A 538 14.06 3.59 -31.19
CA LYS A 538 12.93 2.89 -31.81
C LYS A 538 12.98 1.44 -31.30
N TRP A 539 12.12 1.12 -30.31
CA TRP A 539 12.06 -0.19 -29.69
C TRP A 539 11.34 -1.25 -30.59
N ASN A 540 10.84 -0.83 -31.77
CA ASN A 540 10.21 -1.71 -32.78
C ASN A 540 11.22 -2.17 -33.87
N LYS A 541 12.52 -1.75 -33.74
CA LYS A 541 13.62 -2.13 -34.65
C LYS A 541 14.75 -2.70 -33.76
N HIS A 542 14.90 -4.04 -33.72
CA HIS A 542 15.86 -4.77 -32.87
C HIS A 542 17.32 -4.35 -33.06
N GLU A 543 17.62 -3.80 -34.23
CA GLU A 543 18.93 -3.27 -34.60
C GLU A 543 19.19 -2.07 -33.65
N ASP A 544 18.19 -1.14 -33.55
CA ASP A 544 18.18 0.06 -32.71
C ASP A 544 18.23 -0.28 -31.22
N VAL A 545 17.48 -1.32 -30.81
CA VAL A 545 17.43 -1.80 -29.43
C VAL A 545 18.84 -2.33 -29.01
N ALA A 546 19.47 -3.23 -29.83
CA ALA A 546 20.80 -3.79 -29.56
C ALA A 546 21.83 -2.71 -29.37
N GLN A 547 21.75 -1.66 -30.21
CA GLN A 547 22.63 -0.48 -30.19
C GLN A 547 22.52 0.26 -28.86
N MET A 548 21.29 0.58 -28.43
CA MET A 548 21.01 1.26 -27.16
C MET A 548 21.52 0.44 -25.96
N LEU A 549 21.13 -0.84 -25.93
CA LEU A 549 21.52 -1.77 -24.89
C LEU A 549 23.03 -1.89 -24.77
N TYR A 550 23.78 -1.76 -25.89
CA TYR A 550 25.24 -1.81 -25.88
C TYR A 550 25.79 -0.60 -25.12
N LEU A 551 25.16 0.57 -25.30
CA LEU A 551 25.59 1.79 -24.62
C LEU A 551 25.18 1.72 -23.18
N LEU A 552 24.02 1.08 -22.90
CA LEU A 552 23.52 0.94 -21.54
C LEU A 552 24.51 0.16 -20.65
N CYS A 553 25.05 -0.94 -21.19
CA CYS A 553 25.99 -1.83 -20.52
C CYS A 553 27.39 -1.27 -20.38
N SER A 554 27.55 0.03 -20.67
CA SER A 554 28.81 0.78 -20.57
C SER A 554 28.54 2.22 -20.05
N TRP A 555 27.28 2.48 -19.65
CA TRP A 555 26.82 3.77 -19.16
C TRP A 555 27.33 4.13 -17.78
N PRO A 556 27.83 5.36 -17.54
CA PRO A 556 28.26 5.73 -16.17
C PRO A 556 27.11 5.72 -15.14
N GLU A 557 27.44 5.35 -13.89
CA GLU A 557 26.48 5.26 -12.80
C GLU A 557 25.86 6.62 -12.55
N LEU A 558 24.50 6.65 -12.53
CA LEU A 558 23.77 7.91 -12.36
C LEU A 558 23.43 8.20 -10.92
N PRO A 559 23.15 9.48 -10.52
CA PRO A 559 22.79 9.72 -9.10
C PRO A 559 21.42 9.13 -8.80
N VAL A 560 21.09 8.98 -7.52
CA VAL A 560 19.81 8.47 -7.04
C VAL A 560 18.64 9.16 -7.75
N LEU A 561 18.73 10.51 -7.89
CA LEU A 561 17.72 11.33 -8.54
C LEU A 561 17.45 10.91 -9.98
N SER A 562 18.49 10.61 -10.76
CA SER A 562 18.28 10.17 -12.15
C SER A 562 17.70 8.73 -12.24
N ALA A 563 18.16 7.86 -11.33
CA ALA A 563 17.73 6.48 -11.21
C ALA A 563 16.22 6.38 -10.91
N LEU A 564 15.71 7.29 -10.02
CA LEU A 564 14.29 7.35 -9.62
C LEU A 564 13.40 7.50 -10.82
N GLU A 565 13.82 8.36 -11.77
CA GLU A 565 13.12 8.62 -13.03
C GLU A 565 12.99 7.39 -13.89
N LEU A 566 14.01 6.46 -13.89
CA LEU A 566 14.04 5.25 -14.76
C LEU A 566 13.25 4.06 -14.23
N LEU A 567 12.54 4.25 -13.11
CA LEU A 567 11.71 3.24 -12.47
C LEU A 567 10.29 3.28 -13.04
N ASP A 568 9.91 4.42 -13.61
CA ASP A 568 8.60 4.71 -14.20
C ASP A 568 8.28 3.83 -15.41
N PHE A 569 6.96 3.53 -15.63
CA PHE A 569 6.35 2.68 -16.68
C PHE A 569 6.84 2.91 -18.12
N SER A 570 7.30 4.15 -18.44
CA SER A 570 7.78 4.52 -19.79
C SER A 570 9.16 3.91 -20.13
N PHE A 571 9.83 3.26 -19.13
CA PHE A 571 11.13 2.59 -19.26
C PHE A 571 10.93 1.09 -18.91
N PRO A 572 10.17 0.32 -19.76
CA PRO A 572 9.91 -1.09 -19.42
C PRO A 572 11.06 -2.06 -19.59
N ASP A 573 12.14 -1.68 -20.32
CA ASP A 573 13.24 -2.62 -20.53
C ASP A 573 13.88 -3.06 -19.23
N CYS A 574 14.03 -4.37 -19.05
CA CYS A 574 14.61 -4.96 -17.86
C CYS A 574 16.06 -4.57 -17.63
N HIS A 575 16.77 -4.20 -18.73
CA HIS A 575 18.16 -3.74 -18.63
C HIS A 575 18.15 -2.33 -18.01
N VAL A 576 17.08 -1.55 -18.28
CA VAL A 576 16.90 -0.21 -17.75
C VAL A 576 16.68 -0.27 -16.26
N GLY A 577 15.78 -1.16 -15.83
CA GLY A 577 15.44 -1.41 -14.43
C GLY A 577 16.65 -1.84 -13.62
N SER A 578 17.48 -2.65 -14.24
CA SER A 578 18.70 -3.16 -13.67
C SER A 578 19.66 -2.03 -13.39
N PHE A 579 19.79 -1.06 -14.33
CA PHE A 579 20.65 0.11 -14.18
C PHE A 579 20.09 1.02 -13.06
N ALA A 580 18.78 1.25 -13.09
CA ALA A 580 18.08 2.06 -12.11
C ALA A 580 18.35 1.57 -10.65
N ILE A 581 18.21 0.23 -10.37
CA ILE A 581 18.47 -0.37 -9.03
C ILE A 581 19.96 -0.24 -8.66
N LYS A 582 20.88 -0.52 -9.62
CA LYS A 582 22.33 -0.46 -9.48
C LYS A 582 22.72 0.90 -8.92
N SER A 583 22.16 1.99 -9.47
CA SER A 583 22.37 3.36 -8.98
C SER A 583 21.63 3.67 -7.66
N LEU A 584 20.56 2.94 -7.35
CA LEU A 584 19.80 3.11 -6.13
C LEU A 584 20.40 2.37 -4.96
N ARG A 585 21.42 1.53 -5.21
CA ARG A 585 22.13 0.74 -4.19
C ARG A 585 23.04 1.59 -3.25
N LYS A 586 23.24 2.87 -3.58
CA LYS A 586 24.03 3.84 -2.78
C LYS A 586 23.19 4.41 -1.63
N LEU A 587 21.86 4.25 -1.71
CA LEU A 587 20.89 4.80 -0.76
C LEU A 587 21.16 4.35 0.68
N THR A 588 21.25 5.30 1.62
CA THR A 588 21.36 4.97 3.03
C THR A 588 19.97 4.56 3.45
N ASP A 589 19.85 3.64 4.40
CA ASP A 589 18.55 3.22 4.93
C ASP A 589 17.64 4.42 5.18
N ASP A 590 18.20 5.53 5.67
CA ASP A 590 17.45 6.75 5.93
C ASP A 590 16.75 7.37 4.70
N GLU A 591 17.48 7.56 3.57
CA GLU A 591 16.94 8.15 2.35
C GLU A 591 16.00 7.17 1.65
N LEU A 592 16.29 5.86 1.78
CA LEU A 592 15.49 4.78 1.22
C LEU A 592 14.09 4.80 1.82
N PHE A 593 14.00 4.91 3.16
CA PHE A 593 12.75 5.00 3.89
C PHE A 593 11.86 6.13 3.36
N GLN A 594 12.48 7.24 2.92
CA GLN A 594 11.80 8.41 2.37
C GLN A 594 11.12 8.12 1.03
N TYR A 595 11.60 7.12 0.26
CA TYR A 595 11.05 6.77 -1.05
C TYR A 595 10.34 5.45 -1.08
N LEU A 596 10.37 4.70 0.06
CA LEU A 596 9.78 3.36 0.19
C LEU A 596 8.35 3.24 -0.44
N LEU A 597 7.44 4.18 -0.09
CA LEU A 597 6.10 4.18 -0.65
C LEU A 597 6.11 4.24 -2.16
N GLN A 598 6.96 5.08 -2.78
CA GLN A 598 7.01 5.13 -4.24
C GLN A 598 7.56 3.85 -4.82
N LEU A 599 8.66 3.33 -4.26
CA LEU A 599 9.27 2.08 -4.67
C LEU A 599 8.29 0.90 -4.63
N VAL A 600 7.50 0.72 -3.58
CA VAL A 600 6.45 -0.33 -3.53
C VAL A 600 5.44 -0.16 -4.68
N GLN A 601 4.98 1.09 -4.91
CA GLN A 601 4.01 1.46 -5.96
C GLN A 601 4.44 1.08 -7.36
N VAL A 602 5.73 1.26 -7.65
CA VAL A 602 6.39 0.94 -8.93
C VAL A 602 6.39 -0.59 -9.22
N LEU A 603 6.21 -1.44 -8.17
CA LEU A 603 6.10 -2.90 -8.39
C LEU A 603 4.87 -3.21 -9.27
N LYS A 604 3.89 -2.30 -9.30
CA LYS A 604 2.67 -2.46 -10.07
C LYS A 604 2.89 -2.29 -11.58
N TYR A 605 4.06 -1.76 -11.98
CA TYR A 605 4.44 -1.54 -13.36
C TYR A 605 5.32 -2.71 -13.84
N GLU A 606 5.62 -3.67 -12.99
CA GLU A 606 6.49 -4.78 -13.37
C GLU A 606 5.74 -5.78 -14.25
N SER A 607 6.47 -6.39 -15.17
CA SER A 607 5.95 -7.39 -16.09
C SER A 607 5.95 -8.80 -15.40
N TYR A 608 7.08 -9.19 -14.79
CA TYR A 608 7.28 -10.49 -14.15
C TYR A 608 7.40 -10.43 -12.61
N LEU A 609 7.10 -11.55 -11.92
CA LEU A 609 7.17 -11.65 -10.46
C LEU A 609 8.59 -11.48 -9.91
N ASP A 610 9.53 -12.23 -10.46
CA ASP A 610 10.93 -12.08 -10.08
C ASP A 610 11.44 -10.91 -10.91
N CYS A 611 11.90 -9.88 -10.22
CA CYS A 611 12.46 -8.68 -10.82
C CYS A 611 13.54 -8.10 -9.92
N GLU A 612 14.35 -7.19 -10.46
CA GLU A 612 15.43 -6.54 -9.73
C GLU A 612 14.92 -5.71 -8.52
N LEU A 613 13.79 -4.98 -8.71
CA LEU A 613 13.19 -4.17 -7.67
C LEU A 613 12.70 -5.02 -6.51
N THR A 614 11.97 -6.15 -6.78
CA THR A 614 11.54 -7.06 -5.70
C THR A 614 12.76 -7.47 -4.86
N LYS A 615 13.80 -8.04 -5.49
CA LYS A 615 15.05 -8.48 -4.83
C LYS A 615 15.72 -7.37 -4.02
N PHE A 616 15.75 -6.14 -4.57
CA PHE A 616 16.34 -4.97 -3.92
C PHE A 616 15.59 -4.67 -2.66
N LEU A 617 14.24 -4.54 -2.79
CA LEU A 617 13.31 -4.27 -1.68
C LEU A 617 13.40 -5.32 -0.57
N LEU A 618 13.58 -6.61 -0.95
CA LEU A 618 13.76 -7.72 -0.01
C LEU A 618 15.15 -7.67 0.66
N ASP A 619 16.23 -7.40 -0.13
CA ASP A 619 17.58 -7.28 0.47
C ASP A 619 17.56 -6.26 1.61
N ARG A 620 17.00 -5.10 1.35
CA ARG A 620 16.94 -3.97 2.27
C ARG A 620 16.15 -4.23 3.51
N ALA A 621 14.96 -4.86 3.36
CA ALA A 621 14.03 -5.25 4.42
C ALA A 621 14.69 -6.28 5.40
N LEU A 622 15.51 -7.20 4.87
CA LEU A 622 16.17 -8.21 5.68
C LEU A 622 17.40 -7.60 6.38
N ALA A 623 17.98 -6.54 5.79
CA ALA A 623 19.14 -5.84 6.35
C ALA A 623 18.75 -4.83 7.45
N ASN A 624 17.54 -4.19 7.34
CA ASN A 624 17.01 -3.24 8.33
C ASN A 624 15.59 -3.67 8.79
N ARG A 625 15.35 -3.71 10.10
CA ARG A 625 14.02 -4.15 10.62
C ARG A 625 12.89 -3.10 10.43
N LYS A 626 13.19 -1.80 10.63
CA LYS A 626 12.25 -0.68 10.42
C LYS A 626 11.75 -0.69 8.97
N ILE A 627 12.68 -0.81 8.01
CA ILE A 627 12.36 -0.88 6.59
C ILE A 627 11.45 -2.07 6.36
N GLY A 628 11.85 -3.26 6.84
CA GLY A 628 11.09 -4.50 6.72
C GLY A 628 9.67 -4.35 7.23
N HIS A 629 9.51 -3.72 8.41
CA HIS A 629 8.22 -3.43 9.03
C HIS A 629 7.28 -2.62 8.13
N PHE A 630 7.76 -1.46 7.61
CA PHE A 630 6.95 -0.59 6.77
C PHE A 630 6.79 -1.18 5.37
N LEU A 631 7.75 -2.01 4.91
CA LEU A 631 7.58 -2.73 3.65
C LEU A 631 6.39 -3.73 3.83
N PHE A 632 6.32 -4.42 4.97
CA PHE A 632 5.23 -5.32 5.30
C PHE A 632 3.86 -4.60 5.24
N TRP A 633 3.72 -3.45 5.94
CA TRP A 633 2.45 -2.75 5.93
C TRP A 633 2.13 -2.14 4.59
N HIS A 634 3.15 -1.67 3.84
CA HIS A 634 2.91 -1.13 2.50
C HIS A 634 2.24 -2.19 1.62
N LEU A 635 2.78 -3.42 1.59
CA LEU A 635 2.21 -4.52 0.80
C LEU A 635 0.90 -5.08 1.40
N ARG A 636 0.84 -5.24 2.74
CA ARG A 636 -0.33 -5.75 3.47
C ARG A 636 -1.59 -4.96 3.21
N SER A 637 -1.51 -3.63 3.32
CA SER A 637 -2.63 -2.71 3.15
C SER A 637 -3.26 -2.70 1.73
N GLU A 638 -2.71 -3.50 0.80
CA GLU A 638 -3.23 -3.64 -0.56
C GLU A 638 -3.51 -5.12 -0.88
N MET A 639 -3.56 -5.98 0.14
CA MET A 639 -3.83 -7.41 -0.05
C MET A 639 -5.29 -7.67 -0.53
N HIS A 640 -6.15 -6.62 -0.46
CA HIS A 640 -7.51 -6.64 -0.97
C HIS A 640 -7.60 -6.30 -2.47
N VAL A 641 -6.62 -5.60 -3.05
CA VAL A 641 -6.68 -5.18 -4.45
C VAL A 641 -6.36 -6.36 -5.39
N PRO A 642 -7.35 -6.80 -6.18
CA PRO A 642 -7.13 -7.99 -7.02
C PRO A 642 -5.87 -7.98 -7.89
N SER A 643 -5.50 -6.80 -8.39
CA SER A 643 -4.38 -6.57 -9.30
C SER A 643 -3.04 -6.95 -8.70
N VAL A 644 -2.87 -6.71 -7.37
CA VAL A 644 -1.61 -6.87 -6.64
C VAL A 644 -1.58 -8.02 -5.63
N ALA A 645 -2.75 -8.52 -5.20
CA ALA A 645 -2.86 -9.62 -4.21
C ALA A 645 -1.79 -10.74 -4.35
N LEU A 646 -1.62 -11.27 -5.58
CA LEU A 646 -0.68 -12.34 -5.86
C LEU A 646 0.74 -11.88 -5.67
N ARG A 647 1.19 -10.87 -6.48
CA ARG A 647 2.55 -10.31 -6.46
C ARG A 647 2.94 -9.94 -5.05
N PHE A 648 2.14 -9.11 -4.40
CA PHE A 648 2.40 -8.65 -3.05
C PHE A 648 2.46 -9.77 -2.07
N GLY A 649 1.58 -10.76 -2.24
CA GLY A 649 1.49 -11.94 -1.41
C GLY A 649 2.76 -12.77 -1.44
N LEU A 650 3.31 -12.95 -2.63
CA LEU A 650 4.55 -13.70 -2.80
C LEU A 650 5.74 -12.97 -2.16
N ILE A 651 5.71 -11.61 -2.12
CA ILE A 651 6.78 -10.81 -1.50
C ILE A 651 6.69 -10.93 0.05
N LEU A 652 5.48 -10.77 0.57
CA LEU A 652 5.24 -10.89 1.99
C LEU A 652 5.64 -12.28 2.57
N GLU A 653 5.46 -13.38 1.79
CA GLU A 653 5.80 -14.73 2.28
C GLU A 653 7.32 -14.81 2.43
N ALA A 654 8.06 -14.43 1.36
CA ALA A 654 9.51 -14.35 1.31
C ALA A 654 10.02 -13.48 2.46
N TYR A 655 9.47 -12.24 2.63
CA TYR A 655 9.88 -11.37 3.73
C TYR A 655 9.72 -12.09 5.06
N CYS A 656 8.56 -12.73 5.29
CA CYS A 656 8.23 -13.45 6.52
C CYS A 656 9.20 -14.57 6.80
N ARG A 657 9.47 -15.41 5.78
CA ARG A 657 10.40 -16.53 5.84
C ARG A 657 11.81 -16.12 6.34
N GLY A 658 12.19 -14.85 6.05
CA GLY A 658 13.48 -14.29 6.43
C GLY A 658 13.41 -13.39 7.66
N SER A 659 12.20 -13.15 8.17
CA SER A 659 11.99 -12.27 9.31
C SER A 659 11.04 -12.86 10.33
N THR A 660 11.23 -14.15 10.67
CA THR A 660 10.47 -14.91 11.66
C THR A 660 10.34 -14.19 13.01
N HIS A 661 11.35 -13.43 13.43
CA HIS A 661 11.26 -12.67 14.68
C HIS A 661 10.14 -11.62 14.47
N HIS A 662 10.31 -10.73 13.45
CA HIS A 662 9.35 -9.67 13.18
C HIS A 662 7.95 -10.21 12.89
N MET A 663 7.84 -11.45 12.35
CA MET A 663 6.60 -12.17 12.11
C MET A 663 5.79 -12.25 13.39
N LYS A 664 6.46 -12.37 14.54
CA LYS A 664 5.81 -12.45 15.85
C LYS A 664 5.20 -11.12 16.25
N VAL A 665 5.89 -10.04 15.92
CA VAL A 665 5.45 -8.67 16.18
C VAL A 665 4.21 -8.33 15.32
N LEU A 666 4.35 -8.47 14.00
CA LEU A 666 3.31 -8.18 13.01
C LEU A 666 2.07 -9.00 13.25
N MET A 667 2.21 -10.21 13.86
CA MET A 667 1.13 -11.10 14.26
C MET A 667 0.36 -10.43 15.40
N LYS A 668 1.06 -9.95 16.45
CA LYS A 668 0.45 -9.24 17.59
C LYS A 668 -0.35 -8.02 17.12
N GLN A 669 0.21 -7.25 16.14
CA GLN A 669 -0.33 -6.01 15.57
C GLN A 669 -1.57 -6.24 14.77
N GLY A 670 -1.53 -7.21 13.83
CA GLY A 670 -2.66 -7.55 12.96
C GLY A 670 -3.86 -8.05 13.73
N GLU A 671 -3.59 -8.65 14.92
CA GLU A 671 -4.56 -9.21 15.85
C GLU A 671 -5.34 -8.12 16.52
N ALA A 672 -4.62 -7.13 17.15
CA ALA A 672 -5.17 -5.92 17.76
C ALA A 672 -5.96 -5.19 16.70
N LEU A 673 -5.45 -5.17 15.45
CA LEU A 673 -6.13 -4.49 14.34
C LEU A 673 -7.46 -5.12 14.02
N SER A 674 -7.54 -6.46 14.12
CA SER A 674 -8.73 -7.27 13.86
C SER A 674 -9.80 -7.00 14.90
N LYS A 675 -9.37 -6.89 16.18
CA LYS A 675 -10.24 -6.59 17.31
C LYS A 675 -10.84 -5.19 17.17
N LEU A 676 -9.98 -4.17 16.88
CA LEU A 676 -10.37 -2.78 16.66
C LEU A 676 -11.39 -2.65 15.49
N LYS A 677 -11.26 -3.43 14.39
CA LYS A 677 -12.25 -3.37 13.30
C LYS A 677 -13.61 -3.83 13.81
N ALA A 678 -13.63 -4.93 14.58
CA ALA A 678 -14.84 -5.48 15.17
C ALA A 678 -15.41 -4.51 16.25
N LEU A 679 -14.53 -3.91 17.06
CA LEU A 679 -14.89 -2.94 18.08
C LEU A 679 -15.44 -1.66 17.47
N ASN A 680 -14.80 -1.15 16.41
CA ASN A 680 -15.22 0.04 15.68
C ASN A 680 -16.55 -0.18 15.02
N ASP A 681 -16.72 -1.36 14.39
CA ASP A 681 -17.95 -1.76 13.70
C ASP A 681 -19.17 -1.69 14.64
N PHE A 682 -18.99 -2.14 15.91
CA PHE A 682 -19.98 -2.09 16.96
C PHE A 682 -20.32 -0.64 17.26
N VAL A 683 -19.31 0.17 17.62
CA VAL A 683 -19.42 1.61 17.94
C VAL A 683 -20.13 2.37 16.82
N LYS A 684 -19.77 2.10 15.55
CA LYS A 684 -20.38 2.69 14.35
C LYS A 684 -21.91 2.50 14.39
N LEU A 685 -22.34 1.25 14.66
CA LEU A 685 -23.73 0.80 14.78
C LEU A 685 -24.40 1.42 16.03
N SER A 686 -23.75 1.26 17.21
CA SER A 686 -24.16 1.76 18.53
C SER A 686 -24.29 3.30 18.58
N SER A 687 -23.85 4.00 17.50
CA SER A 687 -23.92 5.46 17.36
C SER A 687 -25.30 5.79 16.81
N GLN A 688 -25.84 4.88 15.99
CA GLN A 688 -27.15 5.01 15.38
C GLN A 688 -28.21 4.33 16.29
N LYS A 689 -28.00 4.38 17.63
CA LYS A 689 -28.85 3.84 18.70
C LYS A 689 -28.75 4.74 19.95
N THR A 690 -27.96 4.30 20.94
CA THR A 690 -27.74 4.97 22.22
C THR A 690 -26.92 6.27 22.06
N PRO A 691 -26.95 7.23 23.02
CA PRO A 691 -26.10 8.43 22.90
C PRO A 691 -24.62 8.10 23.14
N LYS A 692 -23.73 9.05 22.81
CA LYS A 692 -22.27 8.89 22.92
C LYS A 692 -21.78 8.36 24.29
N PRO A 693 -22.21 8.85 25.50
CA PRO A 693 -21.64 8.30 26.75
C PRO A 693 -22.05 6.86 27.05
N GLN A 694 -23.21 6.43 26.50
CA GLN A 694 -23.73 5.07 26.62
C GLN A 694 -22.87 4.14 25.78
N THR A 695 -22.61 4.54 24.50
CA THR A 695 -21.75 3.83 23.54
C THR A 695 -20.33 3.72 24.14
N LYS A 696 -19.79 4.84 24.67
CA LYS A 696 -18.48 4.94 25.33
C LYS A 696 -18.32 3.81 26.35
N GLU A 697 -19.33 3.65 27.24
CA GLU A 697 -19.37 2.66 28.32
C GLU A 697 -19.66 1.26 27.78
N LEU A 698 -20.47 1.17 26.70
CA LEU A 698 -20.79 -0.09 26.02
C LEU A 698 -19.60 -0.55 25.12
N MET A 699 -18.56 0.32 25.02
CA MET A 699 -17.33 0.08 24.29
C MET A 699 -16.32 -0.42 25.31
N HIS A 700 -16.33 0.14 26.53
CA HIS A 700 -15.39 -0.23 27.59
C HIS A 700 -15.58 -1.66 28.15
N LEU A 701 -16.81 -2.22 28.08
CA LEU A 701 -17.11 -3.57 28.53
C LEU A 701 -16.66 -4.57 27.45
N CYS A 702 -16.95 -4.24 26.16
CA CYS A 702 -16.57 -5.01 24.97
C CYS A 702 -15.04 -5.07 24.85
N MET A 703 -14.34 -4.06 25.41
CA MET A 703 -12.87 -3.94 25.40
C MET A 703 -12.24 -4.74 26.52
N ARG A 704 -12.90 -4.79 27.69
CA ARG A 704 -12.38 -5.46 28.90
C ARG A 704 -12.60 -6.98 28.89
N GLN A 705 -13.19 -7.51 27.79
CA GLN A 705 -13.35 -8.95 27.58
C GLN A 705 -11.93 -9.53 27.50
N GLU A 706 -11.64 -10.62 28.25
CA GLU A 706 -10.33 -11.28 28.35
C GLU A 706 -9.50 -11.17 27.05
N ALA A 707 -10.02 -11.78 25.96
CA ALA A 707 -9.46 -11.84 24.62
C ALA A 707 -9.24 -10.44 24.00
N TYR A 708 -10.23 -9.51 24.13
CA TYR A 708 -10.17 -8.13 23.61
C TYR A 708 -9.04 -7.36 24.25
N LEU A 709 -8.98 -7.40 25.56
CA LEU A 709 -7.97 -6.73 26.36
C LEU A 709 -6.57 -7.32 26.13
N GLU A 710 -6.46 -8.65 25.93
CA GLU A 710 -5.17 -9.30 25.72
C GLU A 710 -4.59 -8.92 24.36
N ALA A 711 -5.46 -8.92 23.33
CA ALA A 711 -5.15 -8.61 21.95
C ALA A 711 -4.75 -7.16 21.75
N LEU A 712 -5.41 -6.25 22.50
CA LEU A 712 -5.16 -4.82 22.43
C LEU A 712 -4.03 -4.36 23.34
N SER A 713 -3.47 -5.26 24.16
CA SER A 713 -2.40 -4.90 25.08
C SER A 713 -1.04 -5.42 24.65
N HIS A 714 0.01 -4.78 25.19
CA HIS A 714 1.42 -5.09 25.02
C HIS A 714 1.74 -5.48 23.60
N LEU A 715 2.05 -4.46 22.80
CA LEU A 715 2.38 -4.63 21.40
C LEU A 715 3.26 -3.50 20.94
N GLN A 716 4.05 -3.74 19.89
CA GLN A 716 4.87 -2.69 19.31
C GLN A 716 3.89 -1.93 18.42
N SER A 717 3.96 -0.60 18.41
CA SER A 717 3.07 0.27 17.62
C SER A 717 3.29 0.04 16.14
N PRO A 718 2.23 -0.23 15.33
CA PRO A 718 2.43 -0.37 13.86
C PRO A 718 2.93 0.95 13.26
N LEU A 719 2.60 2.09 13.88
CA LEU A 719 3.00 3.41 13.40
C LEU A 719 4.50 3.69 13.53
N ASP A 720 5.12 3.17 14.60
CA ASP A 720 6.55 3.30 14.90
C ASP A 720 6.87 2.03 15.68
N PRO A 721 7.58 1.05 15.11
CA PRO A 721 7.78 -0.22 15.84
C PRO A 721 8.72 -0.12 17.05
N SER A 722 9.38 1.02 17.27
CA SER A 722 10.22 1.18 18.46
C SER A 722 9.41 1.77 19.66
N THR A 723 8.09 2.00 19.45
CA THR A 723 7.16 2.51 20.47
C THR A 723 6.40 1.32 21.03
N LEU A 724 6.39 1.17 22.36
CA LEU A 724 5.73 0.05 23.01
C LEU A 724 4.36 0.44 23.60
N LEU A 725 3.30 0.10 22.87
CA LEU A 725 1.94 0.32 23.34
C LEU A 725 1.72 -0.82 24.35
N ALA A 726 1.84 -0.50 25.66
CA ALA A 726 1.75 -1.44 26.77
C ALA A 726 0.32 -1.69 27.31
N GLU A 727 -0.10 -0.93 28.34
CA GLU A 727 -1.39 -1.09 29.02
C GLU A 727 -2.42 -0.12 28.49
N VAL A 728 -3.51 -0.65 27.91
CA VAL A 728 -4.61 0.19 27.40
C VAL A 728 -5.28 0.90 28.60
N CYS A 729 -5.61 2.18 28.45
CA CYS A 729 -6.30 2.93 29.49
C CYS A 729 -7.70 3.12 28.98
N VAL A 730 -8.50 2.05 29.20
CA VAL A 730 -9.90 1.89 28.78
C VAL A 730 -10.77 3.07 29.25
N GLU A 731 -10.41 3.71 30.38
CA GLU A 731 -11.11 4.90 30.89
C GLU A 731 -10.96 6.07 29.88
N GLN A 732 -9.72 6.27 29.35
CA GLN A 732 -9.32 7.30 28.39
C GLN A 732 -9.70 6.99 26.92
N CYS A 733 -10.01 5.73 26.62
CA CYS A 733 -10.43 5.30 25.29
C CYS A 733 -11.82 5.85 24.96
N THR A 734 -11.98 6.47 23.77
CA THR A 734 -13.24 7.06 23.27
C THR A 734 -13.33 6.84 21.76
N PHE A 735 -14.16 7.66 21.09
CA PHE A 735 -14.32 7.70 19.64
C PHE A 735 -14.64 9.14 19.18
N MET A 736 -14.55 9.42 17.85
CA MET A 736 -14.77 10.76 17.31
C MET A 736 -16.10 10.89 16.61
N ASP A 737 -16.76 12.05 16.78
CA ASP A 737 -18.08 12.34 16.19
C ASP A 737 -18.03 12.53 14.66
N SER A 738 -16.87 12.18 14.03
CA SER A 738 -16.58 12.22 12.60
C SER A 738 -17.43 11.17 11.85
N LYS A 739 -17.45 11.23 10.50
CA LYS A 739 -18.26 10.33 9.65
C LYS A 739 -18.03 8.85 9.92
N MET A 740 -16.75 8.41 9.86
CA MET A 740 -16.37 6.99 10.02
C MET A 740 -16.21 6.53 11.47
N LYS A 741 -16.46 7.44 12.45
CA LYS A 741 -16.39 7.22 13.90
C LYS A 741 -15.05 6.61 14.31
N PRO A 742 -13.91 7.32 14.08
CA PRO A 742 -12.59 6.73 14.40
C PRO A 742 -12.36 6.55 15.88
N LEU A 743 -11.85 5.37 16.29
CA LEU A 743 -11.62 5.04 17.72
C LEU A 743 -10.38 5.67 18.32
N TRP A 744 -10.52 6.30 19.48
CA TRP A 744 -9.45 6.99 20.21
C TRP A 744 -8.96 6.00 21.25
N ILE A 745 -7.74 5.45 21.09
CA ILE A 745 -7.22 4.38 21.96
C ILE A 745 -5.99 4.85 22.68
N MET A 746 -6.05 4.93 24.03
CA MET A 746 -4.93 5.41 24.88
C MET A 746 -4.18 4.33 25.62
N TYR A 747 -2.86 4.55 25.83
CA TYR A 747 -1.93 3.62 26.49
C TYR A 747 -1.05 4.33 27.52
N SER A 748 -0.59 3.57 28.53
CA SER A 748 0.30 4.06 29.58
C SER A 748 1.59 3.24 29.62
N ASN A 749 2.70 3.91 30.00
CA ASN A 749 4.08 3.40 30.07
C ASN A 749 4.42 2.67 31.37
N GLU A 750 4.92 1.44 31.22
CA GLU A 750 5.34 0.58 32.33
C GLU A 750 6.73 1.01 32.84
N GLU A 751 7.62 1.46 31.92
CA GLU A 751 8.98 1.92 32.21
C GLU A 751 9.29 3.36 31.77
N ALA A 752 8.67 3.85 30.67
CA ALA A 752 8.90 5.19 30.12
C ALA A 752 8.31 6.32 30.96
N SER A 757 2.81 8.89 28.11
CA SER A 757 1.53 8.51 27.47
C SER A 757 1.66 8.46 25.92
N VAL A 758 0.83 7.60 25.29
CA VAL A 758 0.77 7.34 23.84
C VAL A 758 -0.64 6.90 23.47
N GLY A 759 -1.13 7.38 22.35
CA GLY A 759 -2.44 7.02 21.85
C GLY A 759 -2.42 6.79 20.36
N ILE A 760 -3.41 6.00 19.87
CA ILE A 760 -3.56 5.66 18.45
C ILE A 760 -5.00 5.94 18.01
N ILE A 761 -5.18 6.31 16.72
CA ILE A 761 -6.54 6.53 16.21
C ILE A 761 -6.84 5.46 15.17
N PHE A 762 -7.86 4.62 15.41
CA PHE A 762 -8.22 3.57 14.48
C PHE A 762 -9.32 4.05 13.56
N LYS A 763 -9.00 4.34 12.30
CA LYS A 763 -10.00 4.82 11.35
C LYS A 763 -10.21 3.75 10.32
N ASN A 764 -11.48 3.47 10.05
CA ASN A 764 -11.98 2.49 9.12
C ASN A 764 -13.19 3.10 8.38
N GLY A 765 -13.11 3.11 7.06
CA GLY A 765 -14.14 3.63 6.17
C GLY A 765 -13.57 4.50 5.06
N ASP A 766 -12.56 5.34 5.42
CA ASP A 766 -11.88 6.25 4.50
C ASP A 766 -10.59 5.65 4.02
N ASP A 767 -10.20 6.00 2.77
CA ASP A 767 -8.94 5.63 2.14
C ASP A 767 -7.90 6.58 2.76
N LEU A 768 -6.81 6.03 3.33
CA LEU A 768 -5.80 6.87 3.97
C LEU A 768 -4.55 7.16 3.12
N ARG A 769 -4.37 6.43 2.01
CA ARG A 769 -3.25 6.54 1.05
C ARG A 769 -2.91 8.00 0.72
N GLN A 770 -3.94 8.77 0.31
CA GLN A 770 -3.92 10.19 -0.01
C GLN A 770 -3.27 11.00 1.14
N ASP A 771 -3.76 10.83 2.40
CA ASP A 771 -3.23 11.48 3.60
C ASP A 771 -1.81 11.04 3.91
N MET A 772 -1.48 9.76 3.71
CA MET A 772 -0.13 9.30 3.96
C MET A 772 0.86 9.87 2.96
N LEU A 773 0.47 10.05 1.71
CA LEU A 773 1.38 10.62 0.73
C LEU A 773 1.61 12.08 1.07
N THR A 774 0.53 12.83 1.38
CA THR A 774 0.61 14.25 1.72
C THR A 774 1.58 14.40 2.91
N LEU A 775 1.32 13.67 4.03
CA LEU A 775 2.15 13.67 5.24
C LEU A 775 3.63 13.30 4.98
N GLN A 776 3.88 12.26 4.12
CA GLN A 776 5.22 11.81 3.69
C GLN A 776 5.95 12.98 3.02
N MET A 777 5.27 13.72 2.12
CA MET A 777 5.87 14.84 1.41
C MET A 777 6.26 15.98 2.32
N ILE A 778 5.38 16.34 3.28
CA ILE A 778 5.64 17.37 4.29
C ILE A 778 6.89 16.97 5.11
N GLN A 779 6.98 15.69 5.50
CA GLN A 779 8.11 15.10 6.21
C GLN A 779 9.39 15.20 5.31
N LEU A 780 9.25 14.98 3.99
CA LEU A 780 10.39 15.11 3.09
C LEU A 780 10.87 16.55 3.11
N MET A 781 9.93 17.53 2.98
CA MET A 781 10.19 18.98 3.03
C MET A 781 10.92 19.30 4.31
N ASP A 782 10.38 18.85 5.46
CA ASP A 782 10.98 18.99 6.79
C ASP A 782 12.43 18.49 6.81
N VAL A 783 12.72 17.34 6.20
CA VAL A 783 14.07 16.76 6.16
C VAL A 783 14.97 17.61 5.28
N LEU A 784 14.50 17.98 4.08
CA LEU A 784 15.22 18.87 3.17
C LEU A 784 15.54 20.24 3.85
N TRP A 785 14.56 20.82 4.61
CA TRP A 785 14.77 22.07 5.32
C TRP A 785 15.75 21.83 6.47
N LYS A 786 15.46 20.86 7.37
CA LYS A 786 16.32 20.49 8.51
C LYS A 786 17.78 20.23 8.11
N GLN A 787 17.99 19.64 6.92
CA GLN A 787 19.32 19.37 6.39
C GLN A 787 20.14 20.65 6.19
N GLU A 788 19.48 21.75 5.70
CA GLU A 788 20.09 23.07 5.45
C GLU A 788 19.88 24.06 6.61
N GLY A 789 19.99 23.54 7.84
CA GLY A 789 19.92 24.28 9.09
C GLY A 789 18.64 25.02 9.45
N LEU A 790 17.54 24.74 8.73
CA LEU A 790 16.27 25.40 9.02
C LEU A 790 15.25 24.42 9.64
N ASP A 791 14.99 24.56 10.96
CA ASP A 791 14.05 23.74 11.69
C ASP A 791 12.79 24.55 11.81
N LEU A 792 11.73 24.11 11.11
CA LEU A 792 10.46 24.82 11.11
C LEU A 792 9.45 24.18 12.02
N ARG A 793 9.94 23.48 13.06
CA ARG A 793 9.16 22.85 14.14
C ARG A 793 7.85 22.24 13.65
N MET A 794 7.93 21.34 12.65
CA MET A 794 6.76 20.67 12.07
C MET A 794 6.40 19.46 12.94
N THR A 795 5.16 18.95 12.78
CA THR A 795 4.64 17.79 13.53
C THR A 795 4.44 16.61 12.55
N PRO A 796 5.51 15.84 12.28
CA PRO A 796 5.37 14.68 11.39
C PRO A 796 4.73 13.52 12.16
N TYR A 797 3.40 13.63 12.31
CA TYR A 797 2.65 12.63 13.04
C TYR A 797 2.45 11.50 12.06
N GLY A 798 2.47 10.26 12.57
CA GLY A 798 2.35 9.06 11.79
C GLY A 798 0.94 8.77 11.37
N CYS A 799 0.80 8.21 10.16
CA CYS A 799 -0.46 7.78 9.53
C CYS A 799 -0.08 6.59 8.71
N LEU A 800 -0.71 5.46 9.00
CA LEU A 800 -0.37 4.22 8.32
C LEU A 800 -1.57 3.40 7.83
N PRO A 801 -1.81 3.34 6.49
CA PRO A 801 -2.79 2.38 5.96
C PRO A 801 -2.37 0.93 6.30
N THR A 802 -3.26 0.20 6.97
CA THR A 802 -3.03 -1.17 7.41
C THR A 802 -3.85 -2.18 6.59
N GLY A 803 -4.99 -1.74 6.04
CA GLY A 803 -5.84 -2.61 5.24
C GLY A 803 -6.80 -1.85 4.38
N ASP A 804 -7.87 -2.55 3.94
CA ASP A 804 -8.97 -2.00 3.11
C ASP A 804 -9.71 -0.88 3.85
N ARG A 805 -9.49 0.37 3.36
CA ARG A 805 -10.08 1.60 3.93
C ARG A 805 -9.85 1.68 5.44
N THR A 806 -8.80 1.00 5.93
CA THR A 806 -8.40 0.96 7.34
C THR A 806 -6.97 1.47 7.49
N GLY A 807 -6.73 2.17 8.60
CA GLY A 807 -5.40 2.63 9.00
C GLY A 807 -5.36 3.13 10.45
N LEU A 808 -4.19 3.62 10.85
CA LEU A 808 -3.92 4.22 12.14
C LEU A 808 -3.35 5.60 11.90
N ILE A 809 -3.63 6.53 12.83
CA ILE A 809 -3.17 7.92 12.83
C ILE A 809 -2.71 8.15 14.27
N GLU A 810 -1.48 8.66 14.45
CA GLU A 810 -0.86 8.97 15.75
C GLU A 810 -1.63 10.06 16.52
N VAL A 811 -1.66 9.96 17.85
CA VAL A 811 -2.29 10.95 18.70
C VAL A 811 -1.22 11.96 19.06
N VAL A 812 -1.48 13.22 18.73
CA VAL A 812 -0.63 14.36 19.07
C VAL A 812 -1.31 14.87 20.34
N LEU A 813 -0.69 14.60 21.51
CA LEU A 813 -1.26 15.03 22.79
C LEU A 813 -0.98 16.49 22.99
N ARG A 814 -1.84 17.13 23.80
CA ARG A 814 -1.75 18.53 24.17
C ARG A 814 -2.01 19.40 22.95
N SER A 815 -2.87 18.92 22.06
CA SER A 815 -3.21 19.69 20.85
C SER A 815 -4.72 19.84 20.65
N ASP A 816 -5.15 20.97 20.00
CA ASP A 816 -6.56 21.23 19.69
C ASP A 816 -6.72 21.95 18.35
N THR A 817 -7.92 21.82 17.70
CA THR A 817 -8.24 22.48 16.42
C THR A 817 -8.55 23.94 16.69
N ILE A 818 -8.02 24.86 15.84
CA ILE A 818 -8.20 26.32 15.97
C ILE A 818 -9.69 26.72 16.13
N ALA A 819 -10.65 25.95 15.55
CA ALA A 819 -12.08 26.23 15.74
C ALA A 819 -12.45 26.08 17.23
N ASN A 820 -12.08 24.93 17.86
CA ASN A 820 -12.35 24.63 19.26
C ASN A 820 -11.66 25.60 20.24
N ILE A 821 -10.45 26.07 19.89
CA ILE A 821 -9.67 27.02 20.69
C ILE A 821 -10.38 28.38 20.71
N GLN A 822 -10.90 28.80 19.54
CA GLN A 822 -11.60 30.06 19.32
C GLN A 822 -13.00 30.14 19.98
N LEU A 823 -13.53 29.01 20.49
CA LEU A 823 -14.83 28.99 21.17
C LEU A 823 -14.73 28.32 22.57
N ASN A 824 -14.34 29.14 23.58
CA ASN A 824 -14.17 28.74 24.98
C ASN A 824 -14.26 29.96 25.88
N PHE A 834 -9.05 39.72 24.06
CA PHE A 834 -10.26 39.70 23.24
C PHE A 834 -10.49 38.37 22.47
N ASN A 835 -11.41 38.37 21.47
CA ASN A 835 -11.72 37.22 20.61
C ASN A 835 -10.73 37.15 19.44
N LYS A 836 -10.07 38.29 19.11
CA LYS A 836 -9.01 38.38 18.12
C LYS A 836 -7.75 37.80 18.80
N ASP A 837 -7.67 37.97 20.15
CA ASP A 837 -6.61 37.46 21.03
C ASP A 837 -6.95 36.04 21.56
N ALA A 838 -8.09 35.43 21.11
CA ALA A 838 -8.55 34.09 21.52
C ALA A 838 -7.47 33.00 21.48
N LEU A 839 -6.65 32.99 20.41
CA LEU A 839 -5.55 32.04 20.25
C LEU A 839 -4.37 32.44 21.14
N LEU A 840 -4.08 33.77 21.24
CA LEU A 840 -3.00 34.31 22.06
C LEU A 840 -3.22 34.06 23.56
N ASN A 841 -4.50 34.09 23.99
CA ASN A 841 -4.91 33.81 25.37
C ASN A 841 -4.69 32.34 25.64
N TRP A 842 -5.07 31.47 24.67
CA TRP A 842 -4.90 30.02 24.77
C TRP A 842 -3.43 29.72 24.91
N LEU A 843 -2.60 30.32 24.02
CA LEU A 843 -1.15 30.15 24.05
C LEU A 843 -0.58 30.66 25.37
N LYS A 844 -1.14 31.76 25.93
CA LYS A 844 -0.72 32.33 27.22
C LYS A 844 -1.03 31.38 28.36
N SER A 845 -2.26 30.81 28.38
CA SER A 845 -2.75 29.84 29.37
C SER A 845 -1.98 28.48 29.35
N LYS A 846 -1.17 28.23 28.28
CA LYS A 846 -0.36 27.02 28.10
C LYS A 846 1.16 27.36 28.14
N ASN A 847 1.50 28.66 28.05
CA ASN A 847 2.87 29.18 28.09
C ASN A 847 2.91 30.49 28.91
N PRO A 848 3.22 30.42 30.22
CA PRO A 848 3.23 31.64 31.03
C PRO A 848 4.60 32.34 31.15
N GLY A 849 4.57 33.68 31.09
CA GLY A 849 5.73 34.55 31.25
C GLY A 849 6.79 34.45 30.18
N GLU A 850 7.92 33.81 30.53
CA GLU A 850 9.09 33.62 29.64
C GLU A 850 8.79 32.63 28.50
N ALA A 851 7.89 31.65 28.80
CA ALA A 851 7.43 30.61 27.90
C ALA A 851 6.60 31.14 26.71
N LEU A 852 5.95 32.31 26.87
CA LEU A 852 5.12 32.95 25.84
C LEU A 852 5.93 33.27 24.58
N ASP A 853 7.15 33.78 24.75
CA ASP A 853 8.02 34.15 23.64
C ASP A 853 8.57 32.93 22.89
N ARG A 854 8.63 31.77 23.58
CA ARG A 854 9.10 30.51 23.02
C ARG A 854 8.02 29.99 22.07
N ALA A 855 6.77 29.88 22.57
CA ALA A 855 5.59 29.41 21.84
C ALA A 855 5.32 30.20 20.55
N ILE A 856 5.54 31.55 20.55
CA ILE A 856 5.31 32.41 19.36
C ILE A 856 6.38 32.11 18.30
N GLU A 857 7.59 31.74 18.73
CA GLU A 857 8.66 31.36 17.81
C GLU A 857 8.32 29.96 17.22
N GLU A 858 7.60 29.13 18.01
CA GLU A 858 7.14 27.81 17.60
C GLU A 858 6.00 27.96 16.56
N PHE A 859 5.14 28.98 16.77
CA PHE A 859 4.00 29.29 15.90
C PHE A 859 4.47 29.87 14.58
N THR A 860 5.48 30.75 14.66
CA THR A 860 6.05 31.47 13.54
C THR A 860 6.76 30.49 12.65
N LEU A 861 7.57 29.62 13.25
CA LEU A 861 8.32 28.60 12.55
C LEU A 861 7.41 27.55 11.90
N SER A 862 6.42 27.00 12.64
CA SER A 862 5.48 26.02 12.06
C SER A 862 4.51 26.65 11.04
N CYS A 863 4.11 27.92 11.24
CA CYS A 863 3.22 28.63 10.33
C CYS A 863 3.86 28.69 8.94
N ALA A 864 5.10 29.23 8.84
CA ALA A 864 5.87 29.33 7.62
C ALA A 864 5.88 28.05 6.81
N GLY A 865 6.35 26.96 7.47
CA GLY A 865 6.50 25.61 6.93
C GLY A 865 5.24 25.03 6.34
N TYR A 866 4.12 25.16 7.06
CA TYR A 866 2.81 24.67 6.63
C TYR A 866 2.17 25.64 5.63
N CYS A 867 2.60 26.90 5.59
CA CYS A 867 2.06 27.83 4.63
C CYS A 867 2.66 27.51 3.27
N VAL A 868 3.97 27.24 3.25
CA VAL A 868 4.78 26.88 2.10
C VAL A 868 4.39 25.46 1.59
N ALA A 869 4.31 24.49 2.53
CA ALA A 869 3.94 23.11 2.25
C ALA A 869 2.60 23.01 1.55
N THR A 870 1.56 23.59 2.18
CA THR A 870 0.19 23.51 1.66
C THR A 870 0.02 24.29 0.33
N TYR A 871 0.87 25.30 0.07
CA TYR A 871 0.81 26.08 -1.17
C TYR A 871 1.45 25.28 -2.31
N VAL A 872 2.63 24.69 -2.03
CA VAL A 872 3.39 23.88 -2.96
C VAL A 872 2.62 22.61 -3.35
N LEU A 873 1.92 21.99 -2.40
CA LEU A 873 1.17 20.77 -2.70
C LEU A 873 -0.23 21.05 -3.21
N GLY A 874 -0.65 22.31 -3.19
CA GLY A 874 -1.97 22.72 -3.64
C GLY A 874 -3.07 22.22 -2.74
N ILE A 875 -2.83 22.20 -1.44
CA ILE A 875 -3.86 21.72 -0.51
C ILE A 875 -4.66 22.94 -0.09
N GLY A 876 -5.89 23.02 -0.62
CA GLY A 876 -6.83 24.07 -0.28
C GLY A 876 -7.78 23.64 0.82
N ASP A 877 -8.86 24.42 1.03
CA ASP A 877 -9.90 24.17 2.04
C ASP A 877 -9.28 24.16 3.45
N ARG A 878 -8.27 25.04 3.66
CA ARG A 878 -7.55 25.17 4.93
C ARG A 878 -8.28 26.12 5.88
N HIS A 879 -9.21 25.54 6.65
CA HIS A 879 -10.01 26.26 7.65
C HIS A 879 -9.57 25.90 9.08
N SER A 880 -10.34 26.36 10.09
CA SER A 880 -10.06 26.19 11.52
C SER A 880 -10.42 24.80 12.07
N ASP A 881 -11.26 24.05 11.35
CA ASP A 881 -11.61 22.68 11.75
C ASP A 881 -10.50 21.71 11.29
N ASN A 882 -9.69 22.11 10.30
CA ASN A 882 -8.64 21.22 9.83
C ASN A 882 -7.22 21.76 10.09
N ILE A 883 -7.10 22.83 10.91
CA ILE A 883 -5.80 23.32 11.39
C ILE A 883 -5.77 23.10 12.91
N MET A 884 -4.64 22.56 13.43
CA MET A 884 -4.47 22.25 14.85
C MET A 884 -3.26 22.95 15.45
N ILE A 885 -3.40 23.32 16.71
CA ILE A 885 -2.35 24.01 17.48
C ILE A 885 -1.99 23.12 18.66
N ARG A 886 -0.69 23.05 18.96
CA ARG A 886 -0.11 22.30 20.06
C ARG A 886 0.22 23.27 21.19
N GLU A 887 0.11 22.79 22.45
CA GLU A 887 0.41 23.53 23.69
C GLU A 887 1.80 24.16 23.70
N SER A 888 2.72 23.72 22.81
CA SER A 888 4.08 24.26 22.74
C SER A 888 4.15 25.49 21.84
N GLY A 889 3.12 25.67 21.00
CA GLY A 889 3.03 26.75 20.03
C GLY A 889 3.03 26.30 18.58
N GLN A 890 3.38 25.02 18.30
CA GLN A 890 3.42 24.44 16.95
C GLN A 890 2.03 24.25 16.33
N LEU A 891 1.87 24.77 15.11
CA LEU A 891 0.69 24.69 14.25
C LEU A 891 0.90 23.45 13.36
N PHE A 892 -0.18 22.75 12.95
CA PHE A 892 -0.08 21.61 12.04
C PHE A 892 -1.42 21.31 11.38
N HIS A 893 -1.37 20.68 10.20
CA HIS A 893 -2.59 20.41 9.43
C HIS A 893 -3.04 18.98 9.50
N ILE A 894 -4.36 18.80 9.49
CA ILE A 894 -5.07 17.54 9.57
C ILE A 894 -6.10 17.40 8.43
N ASP A 895 -6.55 16.15 8.21
CA ASP A 895 -7.53 15.74 7.21
C ASP A 895 -7.37 16.45 5.86
N PHE A 896 -6.30 16.06 5.15
CA PHE A 896 -5.98 16.59 3.82
C PHE A 896 -6.83 15.73 2.93
N GLY A 897 -7.99 16.25 2.55
CA GLY A 897 -8.93 15.48 1.72
C GLY A 897 -8.59 15.43 0.25
N HIS A 898 -8.02 16.55 -0.25
CA HIS A 898 -7.65 16.79 -1.63
C HIS A 898 -6.34 17.61 -1.69
N PHE A 899 -5.59 17.47 -2.80
CA PHE A 899 -4.36 18.22 -3.07
C PHE A 899 -4.20 18.50 -4.56
N LEU A 900 -3.06 19.09 -4.96
CA LEU A 900 -2.69 19.47 -6.32
C LEU A 900 -3.76 20.36 -7.01
N GLY A 901 -4.29 21.31 -6.24
CA GLY A 901 -5.27 22.28 -6.68
C GLY A 901 -6.71 21.86 -6.60
N ASN A 902 -6.96 20.54 -6.49
CA ASN A 902 -8.31 19.99 -6.40
C ASN A 902 -9.04 20.48 -5.15
N PHE A 903 -10.29 20.97 -5.35
CA PHE A 903 -11.19 21.50 -4.32
C PHE A 903 -12.45 20.63 -4.18
N ILE A 909 -12.06 17.50 -6.79
CA ILE A 909 -13.15 17.49 -7.75
C ILE A 909 -12.81 18.38 -8.97
N ASN A 910 -12.47 19.67 -8.73
CA ASN A 910 -12.14 20.68 -9.76
C ASN A 910 -10.84 21.46 -9.45
N ARG A 911 -9.73 20.98 -10.07
CA ARG A 911 -8.37 21.52 -9.96
C ARG A 911 -8.21 22.95 -10.53
N GLU A 912 -7.77 23.88 -9.65
CA GLU A 912 -7.52 25.32 -9.88
C GLU A 912 -6.38 25.75 -8.96
N ARG A 913 -5.53 26.69 -9.42
CA ARG A 913 -4.37 27.18 -8.65
C ARG A 913 -4.71 27.79 -7.27
N VAL A 914 -4.41 27.03 -6.19
CA VAL A 914 -4.58 27.42 -4.78
C VAL A 914 -3.53 28.52 -4.47
N PRO A 915 -3.94 29.71 -4.00
CA PRO A 915 -2.92 30.73 -3.70
C PRO A 915 -2.30 30.52 -2.34
N PHE A 916 -1.20 31.24 -2.06
CA PHE A 916 -0.58 31.24 -0.74
C PHE A 916 -1.61 31.86 0.21
N ILE A 917 -1.78 31.29 1.40
CA ILE A 917 -2.79 31.80 2.29
C ILE A 917 -2.19 32.23 3.64
N LEU A 918 -2.32 33.54 3.92
CA LEU A 918 -1.92 34.13 5.21
C LEU A 918 -3.22 34.39 5.93
N THR A 919 -3.35 33.86 7.15
CA THR A 919 -4.57 34.00 7.95
C THR A 919 -4.30 35.07 8.99
N TYR A 920 -5.16 36.13 9.01
CA TYR A 920 -5.07 37.29 9.90
C TYR A 920 -4.80 36.85 11.34
N ASP A 921 -5.63 35.90 11.83
CA ASP A 921 -5.53 35.29 13.16
C ASP A 921 -4.09 34.85 13.47
N PHE A 922 -3.40 34.24 12.47
CA PHE A 922 -2.04 33.77 12.60
C PHE A 922 -1.05 34.93 12.56
N VAL A 923 -1.22 35.84 11.57
CA VAL A 923 -0.40 37.06 11.33
C VAL A 923 -0.31 37.93 12.61
N HIS A 924 -1.41 37.92 13.38
CA HIS A 924 -1.59 38.59 14.66
C HIS A 924 -0.61 38.02 15.72
N VAL A 925 -0.67 36.69 15.99
CA VAL A 925 0.16 35.91 16.93
C VAL A 925 1.62 36.10 16.56
N ILE A 926 1.90 36.13 15.25
CA ILE A 926 3.25 36.32 14.74
C ILE A 926 3.75 37.70 15.15
N GLN A 927 2.87 38.73 15.07
CA GLN A 927 3.20 40.10 15.44
C GLN A 927 3.11 40.34 16.99
N GLN A 928 2.89 39.24 17.77
CA GLN A 928 2.84 39.19 19.24
C GLN A 928 1.67 39.98 19.84
N GLY A 929 0.70 40.34 19.01
CA GLY A 929 -0.49 41.08 19.44
C GLY A 929 -0.62 42.45 18.81
N LYS A 930 0.52 43.07 18.43
CA LYS A 930 0.61 44.39 17.79
C LYS A 930 -0.14 44.49 16.43
N THR A 931 -0.46 45.73 16.01
CA THR A 931 -1.09 46.06 14.72
C THR A 931 0.05 46.05 13.68
N ASN A 932 1.20 46.66 14.03
CA ASN A 932 2.38 46.74 13.19
C ASN A 932 3.62 46.34 13.99
N ASN A 933 4.37 45.36 13.47
CA ASN A 933 5.57 44.78 14.05
C ASN A 933 6.31 44.11 12.90
N SER A 934 6.94 44.92 12.04
CA SER A 934 7.67 44.39 10.88
C SER A 934 8.95 43.68 11.30
N GLU A 935 9.44 43.97 12.52
CA GLU A 935 10.65 43.37 13.08
C GLU A 935 10.49 41.85 13.06
N LYS A 936 9.32 41.38 13.53
CA LYS A 936 8.94 39.98 13.60
C LYS A 936 8.43 39.52 12.25
N PHE A 937 7.36 40.16 11.74
CA PHE A 937 6.74 39.83 10.45
C PHE A 937 7.73 39.59 9.30
N GLU A 938 8.79 40.41 9.19
CA GLU A 938 9.80 40.25 8.14
C GLU A 938 10.70 39.02 8.35
N ARG A 939 10.89 38.60 9.62
CA ARG A 939 11.68 37.42 9.95
C ARG A 939 10.90 36.20 9.46
N PHE A 940 9.55 36.22 9.67
CA PHE A 940 8.57 35.21 9.25
C PHE A 940 8.53 35.13 7.74
N ARG A 941 8.66 36.28 7.05
CA ARG A 941 8.73 36.39 5.60
C ARG A 941 9.97 35.66 5.11
N GLY A 942 11.07 35.79 5.84
CA GLY A 942 12.32 35.12 5.53
C GLY A 942 12.24 33.62 5.64
N TYR A 943 11.51 33.11 6.67
CA TYR A 943 11.29 31.66 6.89
C TYR A 943 10.52 31.08 5.71
N CYS A 944 9.40 31.73 5.31
CA CYS A 944 8.58 31.37 4.15
C CYS A 944 9.42 31.37 2.89
N GLU A 945 10.19 32.44 2.69
CA GLU A 945 11.05 32.60 1.53
C GLU A 945 12.17 31.59 1.44
N ARG A 946 12.86 31.28 2.56
CA ARG A 946 13.93 30.30 2.44
C ARG A 946 13.34 28.88 2.33
N ALA A 947 12.27 28.57 3.07
CA ALA A 947 11.57 27.29 2.96
C ALA A 947 11.22 26.97 1.48
N TYR A 948 10.60 27.93 0.77
CA TYR A 948 10.24 27.82 -0.64
C TYR A 948 11.47 27.65 -1.56
N THR A 949 12.56 28.36 -1.26
CA THR A 949 13.80 28.36 -2.03
C THR A 949 14.47 27.04 -2.02
N ILE A 950 14.53 26.38 -0.83
CA ILE A 950 15.10 25.05 -0.60
C ILE A 950 14.25 24.00 -1.36
N LEU A 951 12.92 24.14 -1.31
CA LEU A 951 12.03 23.20 -1.99
C LEU A 951 12.29 23.13 -3.48
N ARG A 952 12.63 24.30 -4.08
CA ARG A 952 12.95 24.49 -5.50
C ARG A 952 14.22 23.73 -5.84
N ARG A 953 15.24 23.81 -4.96
CA ARG A 953 16.51 23.10 -5.17
C ARG A 953 16.30 21.59 -5.40
N HIS A 954 15.26 21.02 -4.76
CA HIS A 954 14.88 19.61 -4.84
C HIS A 954 13.56 19.41 -5.61
N GLY A 955 13.28 20.31 -6.56
CA GLY A 955 12.08 20.29 -7.39
C GLY A 955 11.93 19.04 -8.23
N LEU A 956 13.04 18.57 -8.83
CA LEU A 956 13.04 17.36 -9.65
C LEU A 956 12.74 16.10 -8.83
N LEU A 957 13.15 16.09 -7.54
CA LEU A 957 12.91 14.99 -6.61
C LEU A 957 11.43 14.77 -6.43
N PHE A 958 10.69 15.87 -6.14
CA PHE A 958 9.24 15.87 -5.96
C PHE A 958 8.54 15.52 -7.25
N LEU A 959 9.07 15.91 -8.41
CA LEU A 959 8.44 15.57 -9.69
C LEU A 959 8.58 14.08 -9.97
N HIS A 960 9.81 13.55 -9.79
CA HIS A 960 10.18 12.15 -9.95
C HIS A 960 9.34 11.30 -9.01
N LEU A 961 9.28 11.68 -7.71
CA LEU A 961 8.51 10.95 -6.68
C LEU A 961 7.01 10.91 -7.01
N PHE A 962 6.42 12.09 -7.32
CA PHE A 962 5.03 12.24 -7.70
C PHE A 962 4.71 11.46 -8.97
N ALA A 963 5.63 11.49 -9.98
CA ALA A 963 5.48 10.75 -11.22
C ALA A 963 5.38 9.25 -10.94
N LEU A 964 6.16 8.71 -9.98
CA LEU A 964 6.03 7.28 -9.62
C LEU A 964 4.71 7.01 -8.90
N MET A 965 4.20 7.96 -8.07
CA MET A 965 2.91 7.79 -7.36
C MET A 965 1.73 7.61 -8.27
N ARG A 966 1.89 7.92 -9.56
CA ARG A 966 0.84 7.71 -10.54
C ARG A 966 0.42 6.22 -10.64
N ALA A 967 1.31 5.30 -10.19
CA ALA A 967 1.06 3.85 -10.14
C ALA A 967 -0.01 3.49 -9.07
N ALA A 968 -0.17 4.32 -8.01
CA ALA A 968 -1.16 4.17 -6.93
C ALA A 968 -2.63 4.32 -7.34
N GLY A 969 -2.86 4.97 -8.48
CA GLY A 969 -4.18 5.18 -9.04
C GLY A 969 -5.10 6.09 -8.22
N LEU A 970 -4.52 7.09 -7.54
CA LEU A 970 -5.31 8.05 -6.79
C LEU A 970 -5.90 9.01 -7.85
N PRO A 971 -7.20 9.38 -7.78
CA PRO A 971 -7.76 10.30 -8.80
C PRO A 971 -7.04 11.64 -8.93
N GLU A 972 -6.63 12.21 -7.77
CA GLU A 972 -5.92 13.49 -7.63
C GLU A 972 -4.48 13.45 -8.21
N LEU A 973 -3.94 12.23 -8.41
CA LEU A 973 -2.62 12.01 -8.97
C LEU A 973 -2.70 10.88 -10.00
N SER A 974 -3.31 11.20 -11.15
CA SER A 974 -3.53 10.26 -12.25
C SER A 974 -2.89 10.67 -13.59
N CYS A 975 -2.40 11.92 -13.71
CA CYS A 975 -1.87 12.34 -15.01
C CYS A 975 -0.77 13.37 -14.96
N SER A 976 -0.29 13.72 -16.17
CA SER A 976 0.68 14.75 -16.56
C SER A 976 0.38 16.18 -15.95
N LYS A 977 -0.90 16.62 -16.01
CA LYS A 977 -1.30 17.93 -15.50
C LYS A 977 -1.29 18.00 -13.96
N ASP A 978 -1.38 16.84 -13.26
CA ASP A 978 -1.33 16.78 -11.80
C ASP A 978 0.12 17.04 -11.36
N ILE A 979 1.10 16.37 -12.02
CA ILE A 979 2.54 16.53 -11.80
C ILE A 979 2.93 17.93 -12.25
N GLN A 980 2.28 18.45 -13.31
CA GLN A 980 2.51 19.80 -13.84
C GLN A 980 2.23 20.82 -12.75
N TYR A 981 1.18 20.56 -11.91
CA TYR A 981 0.85 21.46 -10.81
C TYR A 981 2.12 21.85 -10.05
N LEU A 982 2.91 20.84 -9.62
CA LEU A 982 4.16 20.98 -8.93
C LEU A 982 5.19 21.83 -9.63
N LYS A 983 5.29 21.71 -10.97
CA LYS A 983 6.26 22.50 -11.77
C LYS A 983 5.92 23.99 -11.61
N ASP A 984 4.62 24.32 -11.75
CA ASP A 984 4.11 25.67 -11.60
C ASP A 984 4.21 26.16 -10.13
N SER A 985 3.66 25.40 -9.16
CA SER A 985 3.73 25.74 -7.73
C SER A 985 5.17 26.06 -7.28
N LEU A 986 6.15 25.24 -7.70
CA LEU A 986 7.56 25.41 -7.36
C LEU A 986 8.32 26.28 -8.35
N ALA A 987 7.61 26.95 -9.29
CA ALA A 987 8.19 27.83 -10.33
C ALA A 987 9.47 27.21 -10.91
N LEU A 988 9.40 25.86 -11.13
CA LEU A 988 10.44 24.97 -11.61
C LEU A 988 11.15 25.48 -12.89
N GLY A 989 10.35 26.04 -13.82
CA GLY A 989 10.86 26.60 -15.08
C GLY A 989 11.74 27.81 -14.83
N LYS A 990 11.10 28.90 -14.30
CA LYS A 990 11.65 30.22 -13.96
C LYS A 990 12.94 30.13 -13.16
N THR A 991 13.87 31.05 -13.40
CA THR A 991 15.15 31.17 -12.68
C THR A 991 14.87 31.43 -11.18
N GLU A 992 15.86 31.14 -10.30
CA GLU A 992 15.73 31.32 -8.84
C GLU A 992 15.29 32.74 -8.47
N GLU A 993 15.82 33.77 -9.17
CA GLU A 993 15.47 35.17 -8.99
C GLU A 993 14.02 35.44 -9.45
N GLU A 994 13.65 34.97 -10.67
CA GLU A 994 12.30 35.10 -11.28
C GLU A 994 11.22 34.42 -10.43
N ALA A 995 11.57 33.28 -9.78
CA ALA A 995 10.72 32.49 -8.89
C ALA A 995 10.47 33.24 -7.57
N LEU A 996 11.57 33.78 -6.99
CA LEU A 996 11.53 34.51 -5.72
C LEU A 996 10.72 35.79 -5.80
N LYS A 997 10.73 36.48 -6.96
CA LYS A 997 9.94 37.70 -7.12
C LYS A 997 8.46 37.37 -7.32
N HIS A 998 8.12 36.20 -7.94
CA HIS A 998 6.71 35.80 -8.07
C HIS A 998 6.17 35.25 -6.74
N PHE A 999 7.04 34.56 -5.93
CA PHE A 999 6.65 34.06 -4.61
C PHE A 999 6.27 35.25 -3.74
N ARG A 1000 7.10 36.31 -3.81
CA ARG A 1000 6.92 37.58 -3.11
C ARG A 1000 5.59 38.25 -3.46
N VAL A 1001 5.27 38.38 -4.77
CA VAL A 1001 3.99 38.97 -5.25
C VAL A 1001 2.77 38.24 -4.68
N LYS A 1002 2.86 36.88 -4.67
CA LYS A 1002 1.84 35.97 -4.14
C LYS A 1002 1.77 36.07 -2.62
N PHE A 1003 2.94 36.23 -1.95
CA PHE A 1003 3.01 36.39 -0.50
C PHE A 1003 2.29 37.67 -0.09
N ASN A 1004 2.72 38.83 -0.67
CA ASN A 1004 2.19 40.17 -0.40
C ASN A 1004 0.71 40.26 -0.60
N GLU A 1005 0.19 39.64 -1.68
CA GLU A 1005 -1.24 39.66 -1.94
C GLU A 1005 -2.02 38.74 -1.00
N ALA A 1006 -1.36 37.69 -0.42
CA ALA A 1006 -1.95 36.81 0.59
C ALA A 1006 -2.14 37.61 1.91
N LEU A 1007 -1.22 38.57 2.17
CA LEU A 1007 -1.25 39.47 3.31
C LEU A 1007 -2.34 40.56 3.10
N ARG A 1008 -2.51 41.02 1.85
CA ARG A 1008 -3.52 42.02 1.45
C ARG A 1008 -4.91 41.42 1.54
N GLU A 1009 -5.10 40.23 0.95
CA GLU A 1009 -6.38 39.50 0.96
C GLU A 1009 -6.70 38.96 2.36
N SER A 1010 -5.67 38.89 3.25
CA SER A 1010 -5.78 38.43 4.64
C SER A 1010 -6.65 39.40 5.42
N TRP A 1011 -6.42 40.71 5.21
CA TRP A 1011 -7.13 41.82 5.83
C TRP A 1011 -8.63 41.82 5.49
N LYS A 1012 -8.97 41.59 4.20
CA LYS A 1012 -10.35 41.56 3.66
C LYS A 1012 -11.22 40.49 4.34
N THR A 1013 -10.66 39.27 4.56
CA THR A 1013 -11.35 38.13 5.16
C THR A 1013 -11.78 38.37 6.62
N TYR B 1 -14.92 27.00 -46.98
CA TYR B 1 -14.73 25.65 -46.46
C TYR B 1 -14.31 25.62 -44.98
N GLN B 2 -13.45 24.61 -44.63
CA GLN B 2 -12.90 24.31 -43.31
C GLN B 2 -14.01 24.02 -42.27
N GLN B 3 -15.25 23.74 -42.77
CA GLN B 3 -16.43 23.46 -41.95
C GLN B 3 -16.30 22.11 -41.24
N ASP B 4 -16.40 22.12 -39.90
CA ASP B 4 -16.29 20.94 -39.03
C ASP B 4 -17.68 20.41 -38.56
N GLN B 5 -17.71 19.52 -37.53
CA GLN B 5 -18.95 18.94 -36.99
C GLN B 5 -19.63 19.83 -35.91
N VAL B 6 -19.27 21.15 -35.89
CA VAL B 6 -19.71 22.24 -34.98
C VAL B 6 -21.19 22.16 -34.54
N VAL B 7 -21.43 22.32 -33.21
CA VAL B 7 -22.75 22.28 -32.54
C VAL B 7 -23.66 23.49 -32.92
N LYS B 8 -24.93 23.44 -32.48
CA LYS B 8 -25.98 24.42 -32.75
C LYS B 8 -25.57 25.88 -32.43
N GLU B 9 -25.22 26.64 -33.50
CA GLU B 9 -24.84 28.06 -33.45
C GLU B 9 -25.98 28.83 -32.78
N ASP B 10 -25.72 29.43 -31.62
CA ASP B 10 -26.74 30.17 -30.87
C ASP B 10 -26.12 31.31 -30.08
N ASN B 11 -26.99 32.02 -29.35
CA ASN B 11 -26.64 33.11 -28.45
C ASN B 11 -25.79 32.50 -27.30
N ILE B 12 -24.87 33.28 -26.74
CA ILE B 12 -23.98 32.86 -25.66
C ILE B 12 -24.79 32.34 -24.45
N GLU B 13 -25.88 33.03 -24.07
CA GLU B 13 -26.73 32.62 -22.94
C GLU B 13 -27.43 31.30 -23.20
N ALA B 14 -27.87 31.07 -24.44
CA ALA B 14 -28.55 29.84 -24.88
C ALA B 14 -27.66 28.59 -24.83
N VAL B 15 -26.36 28.71 -25.21
CA VAL B 15 -25.36 27.62 -25.21
C VAL B 15 -24.83 27.36 -23.77
N GLY B 16 -24.82 28.39 -22.93
CA GLY B 16 -24.41 28.33 -21.53
C GLY B 16 -25.39 27.62 -20.63
N LYS B 17 -26.66 27.54 -21.04
CA LYS B 17 -27.74 26.88 -20.31
C LYS B 17 -27.72 25.38 -20.64
N LYS B 18 -27.37 25.06 -21.89
CA LYS B 18 -27.22 23.68 -22.32
C LYS B 18 -25.94 23.13 -21.65
N LEU B 19 -24.90 23.97 -21.43
CA LEU B 19 -23.70 23.55 -20.70
C LEU B 19 -24.11 23.28 -19.26
N HIS B 20 -25.04 24.05 -18.70
CA HIS B 20 -25.48 23.77 -17.32
C HIS B 20 -26.27 22.46 -17.28
N GLU B 21 -27.22 22.29 -18.23
CA GLU B 21 -28.05 21.10 -18.35
C GLU B 21 -27.20 19.84 -18.46
N TYR B 22 -26.31 19.77 -19.48
CA TYR B 22 -25.41 18.65 -19.77
C TYR B 22 -24.51 18.27 -18.63
N ASN B 23 -23.93 19.27 -17.93
CA ASN B 23 -23.04 19.05 -16.79
C ASN B 23 -23.80 18.38 -15.63
N THR B 24 -25.01 18.89 -15.33
CA THR B 24 -25.92 18.39 -14.31
C THR B 24 -26.24 16.93 -14.62
N GLN B 25 -26.63 16.65 -15.87
CA GLN B 25 -26.92 15.31 -16.37
C GLN B 25 -25.68 14.41 -16.33
N PHE B 26 -24.47 14.99 -16.51
CA PHE B 26 -23.21 14.24 -16.52
C PHE B 26 -22.85 13.80 -15.14
N GLN B 27 -22.76 14.74 -14.19
CA GLN B 27 -22.45 14.50 -12.79
C GLN B 27 -23.41 13.47 -12.16
N GLU B 28 -24.72 13.50 -12.55
CA GLU B 28 -25.73 12.53 -12.10
C GLU B 28 -25.45 11.12 -12.64
N LYS B 29 -25.32 10.96 -13.98
CA LYS B 29 -25.00 9.69 -14.64
C LYS B 29 -23.66 9.14 -14.12
N SER B 30 -22.69 10.05 -13.86
CA SER B 30 -21.38 9.75 -13.27
C SER B 30 -21.55 9.22 -11.83
N ARG B 31 -22.53 9.78 -11.05
CA ARG B 31 -22.86 9.36 -9.68
C ARG B 31 -23.48 7.96 -9.69
N GLU B 32 -24.40 7.71 -10.65
CA GLU B 32 -25.07 6.43 -10.90
C GLU B 32 -23.97 5.34 -11.16
N TYR B 33 -23.00 5.61 -12.07
CA TYR B 33 -21.93 4.66 -12.35
C TYR B 33 -21.02 4.39 -11.14
N ASP B 34 -20.58 5.45 -10.43
CA ASP B 34 -19.71 5.36 -9.25
C ASP B 34 -20.30 4.44 -8.17
N ARG B 35 -21.64 4.51 -8.00
CA ARG B 35 -22.42 3.70 -7.06
C ARG B 35 -22.53 2.24 -7.53
N LEU B 36 -22.69 2.00 -8.85
CA LEU B 36 -22.76 0.67 -9.46
C LEU B 36 -21.39 -0.02 -9.51
N TYR B 37 -20.30 0.75 -9.27
CA TYR B 37 -18.94 0.22 -9.26
C TYR B 37 -18.59 -0.09 -7.80
N GLU B 38 -19.31 0.55 -6.85
CA GLU B 38 -19.14 0.27 -5.43
C GLU B 38 -19.65 -1.15 -5.22
N ASP B 39 -20.84 -1.47 -5.78
CA ASP B 39 -21.46 -2.80 -5.75
C ASP B 39 -20.64 -3.81 -6.54
N TYR B 40 -20.11 -3.42 -7.72
CA TYR B 40 -19.24 -4.28 -8.53
C TYR B 40 -18.08 -4.73 -7.62
N THR B 41 -17.37 -3.78 -6.98
CA THR B 41 -16.29 -4.03 -6.02
C THR B 41 -16.78 -4.91 -4.84
N ARG B 42 -17.92 -4.55 -4.21
CA ARG B 42 -18.54 -5.28 -3.10
C ARG B 42 -18.83 -6.75 -3.49
N THR B 43 -19.57 -6.98 -4.59
CA THR B 43 -19.94 -8.30 -5.06
C THR B 43 -18.70 -9.09 -5.46
N SER B 44 -17.70 -8.41 -6.07
CA SER B 44 -16.47 -9.04 -6.52
C SER B 44 -15.75 -9.70 -5.36
N GLN B 45 -15.65 -9.00 -4.21
CA GLN B 45 -14.95 -9.53 -3.04
C GLN B 45 -15.80 -10.56 -2.29
N GLU B 46 -17.14 -10.31 -2.13
CA GLU B 46 -18.10 -11.22 -1.47
C GLU B 46 -18.11 -12.62 -2.12
N ILE B 47 -17.91 -12.65 -3.45
CA ILE B 47 -17.85 -13.84 -4.29
C ILE B 47 -16.57 -14.62 -4.04
N GLN B 48 -15.42 -13.93 -3.91
CA GLN B 48 -14.12 -14.59 -3.66
C GLN B 48 -14.02 -15.09 -2.21
N MET B 49 -14.88 -14.54 -1.32
CA MET B 49 -15.03 -14.96 0.06
C MET B 49 -15.79 -16.28 0.03
N LYS B 50 -16.95 -16.34 -0.69
CA LYS B 50 -17.78 -17.52 -0.87
C LYS B 50 -16.96 -18.64 -1.49
N ARG B 51 -16.10 -18.32 -2.48
CA ARG B 51 -15.24 -19.30 -3.13
C ARG B 51 -14.16 -19.87 -2.16
N THR B 52 -13.62 -19.05 -1.23
CA THR B 52 -12.65 -19.61 -0.27
C THR B 52 -13.41 -20.35 0.87
N ALA B 53 -14.71 -20.04 1.08
CA ALA B 53 -15.59 -20.69 2.05
C ALA B 53 -15.96 -22.09 1.55
N ILE B 54 -16.04 -22.25 0.21
CA ILE B 54 -16.35 -23.52 -0.42
C ILE B 54 -15.10 -24.40 -0.37
N GLU B 55 -13.90 -23.80 -0.56
CA GLU B 55 -12.64 -24.56 -0.44
C GLU B 55 -12.51 -25.06 1.04
N ALA B 56 -12.89 -24.19 2.01
CA ALA B 56 -12.91 -24.50 3.44
C ALA B 56 -13.84 -25.68 3.79
N PHE B 57 -15.02 -25.80 3.11
CA PHE B 57 -15.98 -26.90 3.29
C PHE B 57 -15.44 -28.21 2.72
N ASN B 58 -14.81 -28.11 1.55
CA ASN B 58 -14.19 -29.18 0.81
C ASN B 58 -13.06 -29.74 1.63
N GLU B 59 -12.29 -28.88 2.33
CA GLU B 59 -11.21 -29.35 3.20
C GLU B 59 -11.76 -29.96 4.47
N THR B 60 -12.91 -29.43 4.97
CA THR B 60 -13.62 -29.95 6.14
C THR B 60 -14.10 -31.36 5.82
N ILE B 61 -14.88 -31.50 4.72
CA ILE B 61 -15.41 -32.78 4.26
C ILE B 61 -14.27 -33.77 3.98
N LYS B 62 -13.15 -33.29 3.39
CA LYS B 62 -11.99 -34.17 3.11
C LYS B 62 -11.55 -34.90 4.40
N ILE B 63 -11.34 -34.10 5.48
CA ILE B 63 -10.95 -34.46 6.84
C ILE B 63 -12.01 -35.43 7.48
N PHE B 64 -13.31 -35.25 7.15
CA PHE B 64 -14.37 -36.11 7.67
C PHE B 64 -14.40 -37.43 6.95
N GLU B 65 -14.01 -37.40 5.68
CA GLU B 65 -13.98 -38.60 4.87
C GLU B 65 -12.73 -39.43 5.21
N GLU B 66 -11.63 -38.76 5.63
CA GLU B 66 -10.39 -39.42 6.10
C GLU B 66 -10.75 -40.16 7.40
N GLN B 67 -11.50 -39.50 8.31
CA GLN B 67 -11.99 -40.10 9.54
C GLN B 67 -12.78 -41.39 9.23
N CYS B 68 -13.64 -41.36 8.19
CA CYS B 68 -14.42 -42.53 7.81
C CYS B 68 -13.55 -43.69 7.35
N GLN B 69 -12.46 -43.40 6.64
CA GLN B 69 -11.51 -44.39 6.18
C GLN B 69 -10.79 -44.95 7.40
N THR B 70 -10.33 -44.07 8.34
CA THR B 70 -9.66 -44.48 9.58
C THR B 70 -10.55 -45.40 10.40
N GLN B 71 -11.81 -44.99 10.63
CA GLN B 71 -12.82 -45.79 11.31
C GLN B 71 -12.89 -47.23 10.69
N GLU B 72 -13.08 -47.34 9.35
CA GLU B 72 -13.20 -48.59 8.57
C GLU B 72 -11.96 -49.52 8.56
N ARG B 73 -10.79 -49.01 8.90
CA ARG B 73 -9.58 -49.82 8.92
C ARG B 73 -9.35 -50.19 10.37
N TYR B 74 -9.05 -49.18 11.21
CA TYR B 74 -8.85 -49.28 12.66
C TYR B 74 -9.85 -50.18 13.43
N SER B 75 -11.12 -50.23 12.97
CA SER B 75 -12.17 -51.02 13.60
C SER B 75 -11.99 -52.52 13.43
N LYS B 76 -11.72 -52.99 12.19
CA LYS B 76 -11.51 -54.41 11.81
C LYS B 76 -10.92 -55.31 12.94
N GLU B 77 -9.72 -54.96 13.45
CA GLU B 77 -8.97 -55.70 14.49
C GLU B 77 -9.64 -55.73 15.88
N TYR B 78 -10.59 -54.81 16.13
CA TYR B 78 -11.32 -54.69 17.41
C TYR B 78 -12.70 -55.32 17.36
N ILE B 79 -13.44 -55.09 16.24
CA ILE B 79 -14.77 -55.68 16.02
C ILE B 79 -14.59 -57.24 15.96
N GLU B 80 -13.43 -57.71 15.44
CA GLU B 80 -13.07 -59.12 15.38
C GLU B 80 -12.77 -59.66 16.80
N LYS B 81 -11.86 -58.97 17.53
CA LYS B 81 -11.41 -59.28 18.91
C LYS B 81 -12.57 -59.29 19.94
N PHE B 82 -13.52 -58.32 19.83
CA PHE B 82 -14.67 -58.21 20.73
C PHE B 82 -15.69 -59.34 20.52
N LYS B 83 -15.92 -59.75 19.24
CA LYS B 83 -16.86 -60.81 18.86
C LYS B 83 -16.48 -62.15 19.49
N ARG B 84 -15.17 -62.49 19.50
CA ARG B 84 -14.58 -63.70 20.10
C ARG B 84 -14.81 -63.74 21.62
N GLU B 85 -14.98 -62.54 22.24
CA GLU B 85 -15.18 -62.31 23.68
C GLU B 85 -16.67 -62.01 24.05
N GLY B 86 -17.56 -62.10 23.05
CA GLY B 86 -18.99 -61.84 23.22
C GLY B 86 -19.37 -60.40 23.52
N ASN B 87 -18.40 -59.46 23.34
CA ASN B 87 -18.55 -58.01 23.54
C ASN B 87 -19.26 -57.44 22.32
N GLU B 88 -20.53 -57.87 22.15
CA GLU B 88 -21.44 -57.43 21.07
C GLU B 88 -21.82 -56.01 21.44
N THR B 89 -21.65 -55.69 22.72
CA THR B 89 -21.94 -54.40 23.33
C THR B 89 -20.89 -53.37 22.93
N GLU B 90 -19.59 -53.77 22.89
CA GLU B 90 -18.52 -52.88 22.46
C GLU B 90 -18.59 -52.61 20.95
N ILE B 91 -18.94 -53.64 20.16
CA ILE B 91 -19.14 -53.55 18.71
C ILE B 91 -20.33 -52.60 18.48
N GLN B 92 -21.38 -52.70 19.31
CA GLN B 92 -22.56 -51.85 19.22
C GLN B 92 -22.24 -50.37 19.47
N ARG B 93 -21.23 -50.11 20.33
CA ARG B 93 -20.78 -48.75 20.67
C ARG B 93 -19.94 -48.14 19.58
N ILE B 94 -19.02 -48.94 19.00
CA ILE B 94 -18.15 -48.53 17.89
C ILE B 94 -19.02 -48.17 16.68
N MET B 95 -19.97 -49.05 16.31
CA MET B 95 -20.85 -48.90 15.14
C MET B 95 -21.76 -47.72 15.21
N HIS B 96 -22.40 -47.49 16.36
CA HIS B 96 -23.31 -46.35 16.49
C HIS B 96 -22.52 -45.03 16.50
N ASN B 97 -21.29 -45.06 17.05
CA ASN B 97 -20.42 -43.89 17.06
C ASN B 97 -20.13 -43.49 15.61
N TYR B 98 -19.97 -44.49 14.73
CA TYR B 98 -19.76 -44.30 13.31
C TYR B 98 -21.02 -43.70 12.70
N GLU B 99 -22.19 -44.20 13.08
CA GLU B 99 -23.45 -43.66 12.55
C GLU B 99 -23.62 -42.21 12.93
N LYS B 100 -23.12 -41.83 14.13
CA LYS B 100 -23.14 -40.44 14.61
C LYS B 100 -22.24 -39.57 13.73
N LEU B 101 -21.05 -40.09 13.31
CA LEU B 101 -20.04 -39.44 12.47
C LEU B 101 -20.60 -39.17 11.08
N LYS B 102 -21.09 -40.24 10.41
CA LYS B 102 -21.66 -40.25 9.06
C LYS B 102 -22.78 -39.27 8.86
N SER B 103 -23.62 -39.06 9.90
CA SER B 103 -24.78 -38.13 9.85
C SER B 103 -24.37 -36.66 10.00
N ARG B 104 -23.31 -36.41 10.75
CA ARG B 104 -22.76 -35.08 10.92
C ARG B 104 -22.18 -34.59 9.58
N ILE B 105 -21.69 -35.53 8.74
CA ILE B 105 -21.15 -35.22 7.42
C ILE B 105 -22.27 -34.67 6.51
N SER B 106 -23.42 -35.36 6.47
CA SER B 106 -24.59 -34.98 5.69
C SER B 106 -25.06 -33.60 6.07
N GLU B 107 -24.72 -33.16 7.31
CA GLU B 107 -25.03 -31.83 7.79
C GLU B 107 -24.08 -30.86 7.12
N ILE B 108 -22.77 -31.15 7.19
CA ILE B 108 -21.72 -30.32 6.60
C ILE B 108 -21.81 -30.26 5.06
N VAL B 109 -22.34 -31.33 4.43
CA VAL B 109 -22.52 -31.41 2.98
C VAL B 109 -23.70 -30.50 2.60
N ASP B 110 -24.79 -30.56 3.41
CA ASP B 110 -25.97 -29.76 3.16
C ASP B 110 -25.66 -28.28 3.28
N SER B 111 -24.83 -27.90 4.28
CA SER B 111 -24.38 -26.53 4.51
C SER B 111 -23.54 -26.04 3.32
N ARG B 112 -22.68 -26.93 2.76
CA ARG B 112 -21.83 -26.66 1.61
C ARG B 112 -22.70 -26.39 0.38
N ARG B 113 -23.76 -27.20 0.19
CA ARG B 113 -24.72 -27.07 -0.91
C ARG B 113 -25.39 -25.67 -0.88
N ARG B 114 -25.68 -25.13 0.32
CA ARG B 114 -26.31 -23.81 0.49
C ARG B 114 -25.40 -22.66 0.05
N LEU B 115 -24.10 -22.74 0.37
CA LEU B 115 -23.13 -21.73 -0.05
C LEU B 115 -22.98 -21.80 -1.57
N GLU B 116 -22.97 -23.03 -2.17
CA GLU B 116 -22.91 -23.29 -3.61
C GLU B 116 -24.13 -22.68 -4.30
N GLU B 117 -25.27 -22.67 -3.60
CA GLU B 117 -26.51 -22.09 -4.11
C GLU B 117 -26.38 -20.58 -4.02
N ASP B 118 -25.98 -20.07 -2.84
CA ASP B 118 -25.84 -18.62 -2.61
C ASP B 118 -24.77 -17.98 -3.51
N LEU B 119 -23.83 -18.77 -4.04
CA LEU B 119 -22.80 -18.27 -4.92
C LEU B 119 -23.36 -18.07 -6.32
N LYS B 120 -24.14 -19.05 -6.83
CA LYS B 120 -24.78 -19.02 -8.15
C LYS B 120 -25.67 -17.80 -8.27
N LYS B 121 -26.40 -17.47 -7.20
CA LYS B 121 -27.30 -16.33 -7.16
C LYS B 121 -26.52 -15.01 -7.20
N GLN B 122 -25.36 -14.98 -6.54
CA GLN B 122 -24.50 -13.80 -6.47
C GLN B 122 -23.64 -13.66 -7.74
N ALA B 123 -23.37 -14.79 -8.44
CA ALA B 123 -22.58 -14.82 -9.68
C ALA B 123 -23.39 -14.20 -10.81
N ALA B 124 -24.75 -14.26 -10.67
CA ALA B 124 -25.73 -13.67 -11.57
C ALA B 124 -25.78 -12.17 -11.33
N GLU B 125 -25.79 -11.73 -10.04
CA GLU B 125 -25.76 -10.31 -9.66
C GLU B 125 -24.55 -9.68 -10.30
N TYR B 126 -23.35 -10.30 -10.13
CA TYR B 126 -22.10 -9.83 -10.72
C TYR B 126 -22.28 -9.56 -12.21
N ARG B 127 -22.81 -10.56 -12.94
CA ARG B 127 -23.01 -10.48 -14.37
C ARG B 127 -24.03 -9.41 -14.77
N GLU B 128 -25.12 -9.24 -14.00
CA GLU B 128 -26.11 -8.18 -14.25
C GLU B 128 -25.50 -6.78 -14.00
N ILE B 129 -24.73 -6.60 -12.89
CA ILE B 129 -24.06 -5.34 -12.53
C ILE B 129 -23.19 -4.91 -13.72
N ASP B 130 -22.37 -5.85 -14.26
CA ASP B 130 -21.48 -5.61 -15.42
C ASP B 130 -22.27 -5.21 -16.66
N LYS B 131 -23.46 -5.83 -16.89
CA LYS B 131 -24.35 -5.53 -18.02
C LYS B 131 -24.95 -4.12 -17.84
N ARG B 132 -25.39 -3.81 -16.60
CA ARG B 132 -25.95 -2.53 -16.20
C ARG B 132 -24.92 -1.39 -16.31
N MET B 133 -23.64 -1.68 -16.02
CA MET B 133 -22.55 -0.69 -16.12
C MET B 133 -22.18 -0.53 -17.59
N ASN B 134 -22.10 -1.63 -18.36
CA ASN B 134 -21.75 -1.57 -19.77
C ASN B 134 -22.88 -0.98 -20.60
N SER B 135 -23.99 -0.67 -19.93
CA SER B 135 -25.12 -0.06 -20.56
C SER B 135 -25.04 1.45 -20.42
N ILE B 136 -24.59 1.94 -19.24
CA ILE B 136 -24.53 3.39 -18.96
C ILE B 136 -23.16 4.03 -19.27
N LYS B 137 -22.17 3.26 -19.75
CA LYS B 137 -20.87 3.79 -20.15
C LYS B 137 -20.95 4.62 -21.45
N PRO B 138 -21.64 4.17 -22.55
CA PRO B 138 -21.75 5.02 -23.76
C PRO B 138 -22.45 6.34 -23.50
N ASP B 139 -23.44 6.37 -22.57
CA ASP B 139 -24.18 7.57 -22.18
C ASP B 139 -23.27 8.51 -21.40
N LEU B 140 -22.50 7.94 -20.44
CA LEU B 140 -21.55 8.63 -19.55
C LEU B 140 -20.47 9.35 -20.34
N ILE B 141 -19.82 8.63 -21.27
CA ILE B 141 -18.78 9.14 -22.16
C ILE B 141 -19.37 10.23 -23.10
N GLN B 142 -20.63 10.02 -23.57
CA GLN B 142 -21.29 10.98 -24.45
C GLN B 142 -21.60 12.30 -23.76
N LEU B 143 -22.06 12.24 -22.50
CA LEU B 143 -22.35 13.42 -21.71
C LEU B 143 -21.11 14.21 -21.35
N ARG B 144 -19.93 13.57 -21.24
CA ARG B 144 -18.66 14.22 -20.95
C ARG B 144 -18.14 14.94 -22.20
N LYS B 145 -18.22 14.30 -23.40
CA LYS B 145 -17.73 14.89 -24.65
C LYS B 145 -18.52 16.15 -25.03
N THR B 146 -19.87 16.08 -24.87
CA THR B 146 -20.82 17.15 -25.13
C THR B 146 -20.50 18.35 -24.25
N ARG B 147 -20.48 18.14 -22.94
CA ARG B 147 -20.17 19.12 -21.90
C ARG B 147 -18.82 19.76 -22.24
N ASP B 148 -17.80 18.93 -22.54
CA ASP B 148 -16.46 19.40 -22.86
C ASP B 148 -16.44 20.29 -24.11
N GLN B 149 -17.21 19.94 -25.16
CA GLN B 149 -17.17 20.72 -26.38
C GLN B 149 -18.07 21.94 -26.31
N TYR B 150 -19.04 21.97 -25.38
CA TYR B 150 -19.89 23.15 -25.16
C TYR B 150 -19.05 24.16 -24.40
N LEU B 151 -18.18 23.63 -23.54
CA LEU B 151 -17.25 24.38 -22.73
C LEU B 151 -16.16 25.05 -23.60
N MET B 152 -15.72 24.36 -24.66
CA MET B 152 -14.73 24.84 -25.60
C MET B 152 -15.34 25.88 -26.48
N TRP B 153 -16.60 25.69 -26.88
CA TRP B 153 -17.35 26.60 -27.72
C TRP B 153 -17.43 28.00 -27.09
N LEU B 154 -17.67 28.08 -25.79
CA LEU B 154 -17.76 29.35 -25.09
C LEU B 154 -16.38 29.96 -24.79
N THR B 155 -15.35 29.12 -24.58
CA THR B 155 -13.98 29.59 -24.38
C THR B 155 -13.53 30.31 -25.66
N GLN B 156 -13.53 29.62 -26.82
CA GLN B 156 -13.14 30.23 -28.08
C GLN B 156 -14.02 31.44 -28.41
N LYS B 157 -15.29 31.45 -27.95
CA LYS B 157 -16.19 32.58 -28.17
C LYS B 157 -15.89 33.79 -27.25
N GLY B 158 -14.99 33.63 -26.31
CA GLY B 158 -14.56 34.71 -25.44
C GLY B 158 -15.20 34.83 -24.08
N VAL B 159 -16.12 33.90 -23.73
CA VAL B 159 -16.83 33.84 -22.43
C VAL B 159 -15.82 33.67 -21.28
N ARG B 160 -15.98 34.50 -20.23
CA ARG B 160 -15.09 34.55 -19.07
C ARG B 160 -15.26 33.35 -18.17
N GLN B 161 -14.15 32.91 -17.56
CA GLN B 161 -14.07 31.80 -16.62
C GLN B 161 -15.14 31.86 -15.52
N LYS B 162 -15.41 33.07 -14.96
CA LYS B 162 -16.39 33.33 -13.90
C LYS B 162 -17.81 32.95 -14.31
N LYS B 163 -18.17 33.22 -15.58
CA LYS B 163 -19.48 32.88 -16.13
C LYS B 163 -19.50 31.38 -16.37
N LEU B 164 -18.38 30.77 -16.82
CA LEU B 164 -18.26 29.33 -17.06
C LEU B 164 -18.41 28.56 -15.73
N ASN B 165 -17.81 29.08 -14.63
CA ASN B 165 -17.93 28.56 -13.27
C ASN B 165 -19.39 28.48 -12.88
N GLU B 166 -20.12 29.63 -13.03
CA GLU B 166 -21.56 29.75 -12.78
C GLU B 166 -22.35 28.64 -13.49
N TRP B 167 -21.99 28.30 -14.75
CA TRP B 167 -22.70 27.27 -15.51
C TRP B 167 -22.26 25.86 -15.17
N LEU B 168 -20.97 25.64 -14.91
CA LEU B 168 -20.44 24.32 -14.56
C LEU B 168 -20.83 23.95 -13.12
N GLY B 169 -21.39 24.91 -12.39
CA GLY B 169 -21.78 24.76 -11.00
C GLY B 169 -20.61 25.08 -10.10
N ASN B 170 -20.66 26.24 -9.43
CA ASN B 170 -19.63 26.70 -8.51
C ASN B 170 -19.84 26.08 -7.13
C15 9EM C . -12.63 12.17 21.05
C19 9EM C . -13.70 14.18 22.02
C23 9EM C . -12.02 14.39 20.20
C11 9EM C . -9.71 14.77 21.08
C34 9EM C . -9.47 17.02 16.66
C27 9EM C . -10.90 16.88 18.60
C33 9EM C . -8.90 15.79 16.96
O1 9EM C . -12.07 11.88 23.79
C2 9EM C . -11.25 12.78 23.64
C3 9EM C . -10.13 12.95 24.62
N7 9EM C . -11.34 13.67 22.57
C8 9EM C . -10.35 14.76 22.44
C14 9EM C . -12.38 13.61 21.50
O24 9EM C . -12.86 14.53 19.33
N25 9EM C . -10.76 14.91 20.06
C26 9EM C . -10.34 15.64 18.91
C29 9EM C . -10.46 17.57 17.47
C31 9EM C . -9.34 15.10 18.09
C36 9EM C . -7.83 15.20 16.13
C37 9EM C . -7.82 14.94 14.79
C39 9EM C . -6.56 14.37 14.43
C40 9EM C . -5.80 14.28 15.61
C41 9EM C . -4.50 13.84 16.02
N42 9EM C . -3.62 13.30 15.14
N45 9EM C . -4.12 13.93 17.29
C46 9EM C . -4.98 14.44 18.17
N48 9EM C . -6.18 14.88 17.96
N49 9EM C . -6.58 14.78 16.62
C50 9EM C . -6.16 13.97 13.09
C51 9EM C . -4.91 14.20 12.52
C53 9EM C . -5.00 13.66 11.24
N55 9EM C . -6.18 13.11 11.00
N56 9EM C . -6.89 13.31 12.16
C57 9EM C . -8.25 12.80 12.26
C60 9EM C . -8.28 11.30 12.24
F61 9EM C . -7.51 10.81 13.22
F62 9EM C . -7.78 10.81 11.11
F63 9EM C . -9.49 10.79 12.38
#